data_9MYL
#
_entry.id   9MYL
#
_cell.length_a   81.069
_cell.length_b   83.208
_cell.length_c   92.605
_cell.angle_alpha   82.85
_cell.angle_beta   89.72
_cell.angle_gamma   71.40
#
_symmetry.space_group_name_H-M   'P 1'
#
loop_
_entity.id
_entity.type
_entity.pdbx_description
1 polymer 'Izumo sperm-egg fusion protein 1'
2 polymer 'Anti-sperm antibody OBF13 heavy chain'
3 polymer 'Anti-sperm antibody OBF13 light chain'
4 non-polymer 2-acetamido-2-deoxy-beta-D-glucopyranose
5 non-polymer PROLINE
6 non-polymer 'CHLORIDE ION'
#
loop_
_entity_poly.entity_id
_entity_poly.type
_entity_poly.pdbx_seq_one_letter_code
_entity_poly.pdbx_strand_id
1 'polypeptide(L)'
;CIKCDQFVTDALKTFENTYLNDHLPHDIHKNVMRMVNHEVSSFGVVTSAEDSYLGAVDENTLEQATWSFLKDLKRITDSD
LKGELFIKELLWMLRHQKDIFNNLARQFQKEVLCPNKCGVMSQTLIWCLKCEKQLHICRKSLDCGERHIEVHRSEDLVLD
CLLSWHRASKGLTDYSFYRVWENSSETLIAKGKEPYLTKSMVGPEDAGNYRCVLDTINQGHATVIRYDVVLPPKEPEA
;
C,D
2 'polypeptide(L)'
;EVQLQQSGAELVKPGASVKLSCTASGFNIKDTYMHWVKQRPEQGLEWIGRIDPANGNSKYDPKFQGKATITADTSSNTAY
LQLSSLTSEDTAVYYCARWDYGVYWGQGTTLTVSSAKTTPPSVYPLAPGSAAQTNSMVTLGCLVKGYFPEPVTVTWNSGS
LSSGVHTFPAVLQSDLYTLSSSVTVPSSTWPSETVTCNVAHPASSTKVDKKIVPRDC
;
H,A
3 'polypeptide(L)'
;DIVLTQSQKFMSTSVGDRVSVTCKASQNVDTNVAWYQQKPGQSPKALIYSASYRYSGVPDRFTGSGSGTDFTLTISNVQS
EDLAEYFCQQYNSYPYTFGGGTKLEIKADAAPTVSIFPPSSEQLTSGGASVVCFLNNFYPKDINVKWKIDGSERQNGVLN
SWTDQDSKDSTYSMSSTLTLTKDEYERHNSYTCEATHKTSTSPIVKSFNRNEC
;
L,B
#
# COMPACT_ATOMS: atom_id res chain seq x y z
N CYS A 1 14.56 10.14 -5.19
CA CYS A 1 14.16 8.74 -5.26
C CYS A 1 14.37 8.03 -3.92
N ILE A 2 15.02 8.72 -2.98
CA ILE A 2 15.39 8.09 -1.72
C ILE A 2 14.16 7.75 -0.88
N LYS A 3 13.02 8.38 -1.14
CA LYS A 3 11.79 8.00 -0.44
C LYS A 3 11.29 6.63 -0.84
N CYS A 4 11.85 6.04 -1.90
CA CYS A 4 11.50 4.69 -2.33
C CYS A 4 12.42 3.63 -1.75
N ASP A 5 13.51 4.03 -1.09
CA ASP A 5 14.42 3.09 -0.45
C ASP A 5 13.93 2.81 0.97
N GLN A 6 13.71 1.53 1.28
CA GLN A 6 13.19 1.15 2.59
C GLN A 6 14.13 1.54 3.72
N PHE A 7 15.43 1.66 3.45
CA PHE A 7 16.36 2.10 4.49
C PHE A 7 16.05 3.52 4.93
N VAL A 8 15.68 4.39 3.99
CA VAL A 8 15.34 5.76 4.35
C VAL A 8 13.99 5.82 5.05
N THR A 9 13.04 5.02 4.57
CA THR A 9 11.71 4.97 5.19
C THR A 9 11.80 4.58 6.66
N ASP A 10 12.51 3.48 6.95
CA ASP A 10 12.62 3.02 8.33
C ASP A 10 13.49 3.94 9.18
N ALA A 11 14.44 4.63 8.55
CA ALA A 11 15.30 5.54 9.30
C ALA A 11 14.52 6.73 9.84
N LEU A 12 13.70 7.35 8.98
CA LEU A 12 12.94 8.51 9.40
C LEU A 12 11.91 8.16 10.47
N LYS A 13 11.35 6.94 10.43
CA LYS A 13 10.46 6.52 11.50
C LYS A 13 11.21 6.39 12.82
N THR A 14 12.43 5.84 12.78
CA THR A 14 13.25 5.78 13.97
C THR A 14 13.72 7.16 14.40
N PHE A 15 13.84 8.08 13.44
CA PHE A 15 14.26 9.44 13.76
C PHE A 15 13.19 10.15 14.59
N GLU A 16 11.92 9.99 14.23
CA GLU A 16 10.84 10.64 14.97
C GLU A 16 10.57 9.93 16.29
N ASN A 17 10.51 8.60 16.27
CA ASN A 17 10.09 7.85 17.44
C ASN A 17 11.13 7.83 18.56
N THR A 18 12.39 8.16 18.25
CA THR A 18 13.44 7.99 19.25
C THR A 18 14.31 9.23 19.42
N TYR A 19 14.79 9.80 18.30
CA TYR A 19 15.83 10.81 18.36
C TYR A 19 15.31 12.23 18.46
N LEU A 20 14.06 12.50 18.06
CA LEU A 20 13.53 13.85 18.15
C LEU A 20 13.32 14.28 19.60
N ASN A 21 13.08 13.33 20.50
CA ASN A 21 12.94 13.65 21.92
C ASN A 21 14.24 14.14 22.52
N ASP A 22 15.37 13.97 21.84
CA ASP A 22 16.66 14.44 22.33
C ASP A 22 16.95 15.88 21.94
N HIS A 23 16.22 16.44 20.98
CA HIS A 23 16.54 17.77 20.47
C HIS A 23 15.34 18.71 20.51
N LEU A 24 14.13 18.16 20.38
CA LEU A 24 12.95 19.00 20.31
C LEU A 24 11.94 18.61 21.37
N PRO A 25 11.24 19.58 21.95
CA PRO A 25 10.09 19.24 22.81
C PRO A 25 8.99 18.61 21.99
N HIS A 26 8.20 17.77 22.66
CA HIS A 26 7.25 16.90 21.98
C HIS A 26 6.12 17.64 21.28
N ASP A 27 5.95 18.94 21.55
CA ASP A 27 4.79 19.66 21.02
C ASP A 27 4.89 19.96 19.53
N ILE A 28 6.03 19.71 18.89
CA ILE A 28 6.21 20.08 17.49
C ILE A 28 6.91 18.98 16.71
N HIS A 29 6.89 17.75 17.25
CA HIS A 29 7.53 16.64 16.54
C HIS A 29 6.82 16.36 15.21
N LYS A 30 5.49 16.25 15.24
CA LYS A 30 4.74 16.01 14.02
C LYS A 30 4.91 17.15 13.03
N ASN A 31 5.00 18.39 13.52
CA ASN A 31 5.18 19.54 12.63
C ASN A 31 6.54 19.50 11.95
N VAL A 32 7.58 19.07 12.68
CA VAL A 32 8.91 19.01 12.09
C VAL A 32 9.00 17.87 11.09
N MET A 33 8.35 16.74 11.39
CA MET A 33 8.40 15.59 10.49
C MET A 33 7.69 15.88 9.17
N ARG A 34 6.60 16.64 9.22
CA ARG A 34 5.94 17.04 7.98
C ARG A 34 6.85 17.89 7.11
N MET A 35 7.67 18.73 7.73
CA MET A 35 8.63 19.53 6.98
C MET A 35 9.76 18.66 6.43
N VAL A 36 10.20 17.66 7.20
CA VAL A 36 11.25 16.76 6.74
C VAL A 36 10.77 15.94 5.54
N ASN A 37 9.58 15.34 5.66
CA ASN A 37 9.08 14.48 4.59
C ASN A 37 8.80 15.24 3.31
N HIS A 38 8.35 16.49 3.42
CA HIS A 38 8.10 17.28 2.21
C HIS A 38 9.39 17.53 1.44
N GLU A 39 10.52 17.68 2.13
CA GLU A 39 11.79 17.87 1.45
C GLU A 39 12.28 16.57 0.82
N VAL A 40 12.13 15.45 1.53
CA VAL A 40 12.57 14.16 1.00
C VAL A 40 11.77 13.79 -0.24
N SER A 41 10.45 13.99 -0.20
CA SER A 41 9.59 13.61 -1.32
C SER A 41 9.87 14.43 -2.57
N SER A 42 10.58 15.55 -2.45
CA SER A 42 10.91 16.37 -3.61
C SER A 42 12.15 15.90 -4.33
N PHE A 43 12.89 14.95 -3.76
CA PHE A 43 14.10 14.43 -4.39
C PHE A 43 13.79 13.82 -5.75
N GLY A 44 14.48 14.31 -6.78
CA GLY A 44 14.35 13.77 -8.12
C GLY A 44 13.10 14.16 -8.87
N VAL A 45 12.12 14.77 -8.21
CA VAL A 45 10.91 15.21 -8.89
C VAL A 45 11.27 16.31 -9.89
N VAL A 46 11.20 15.98 -11.17
CA VAL A 46 11.63 16.89 -12.23
C VAL A 46 10.64 18.02 -12.39
N THR A 47 10.86 19.12 -11.66
CA THR A 47 10.11 20.34 -11.89
C THR A 47 10.79 21.15 -13.00
N SER A 48 10.30 22.36 -13.24
CA SER A 48 10.84 23.23 -14.29
C SER A 48 10.81 22.56 -15.66
N GLU A 50 14.22 22.13 -17.61
CA GLU A 50 15.63 21.89 -17.93
C GLU A 50 16.20 20.76 -17.07
N ASP A 51 15.71 20.67 -15.84
CA ASP A 51 16.14 19.62 -14.91
C ASP A 51 15.34 18.35 -15.18
N SER A 52 15.61 17.77 -16.35
CA SER A 52 14.91 16.57 -16.79
C SER A 52 15.64 15.27 -16.47
N TYR A 53 16.96 15.32 -16.29
CA TYR A 53 17.70 14.09 -16.04
C TYR A 53 17.41 13.52 -14.65
N LEU A 54 17.05 14.37 -13.69
CA LEU A 54 16.83 13.90 -12.33
C LEU A 54 15.52 13.12 -12.17
N GLY A 55 14.73 12.98 -13.24
CA GLY A 55 13.43 12.34 -13.11
C GLY A 55 13.51 10.89 -12.69
N ALA A 56 14.63 10.23 -12.97
CA ALA A 56 14.79 8.83 -12.60
C ALA A 56 16.27 8.50 -12.50
N VAL A 57 16.56 7.47 -11.70
CA VAL A 57 17.92 6.95 -11.54
C VAL A 57 17.85 5.43 -11.48
N ASP A 58 19.00 4.79 -11.68
CA ASP A 58 19.07 3.34 -11.62
C ASP A 58 19.23 2.89 -10.17
N GLU A 59 19.27 1.58 -9.97
CA GLU A 59 19.39 1.03 -8.62
C GLU A 59 20.77 1.29 -8.02
N ASN A 60 21.80 1.51 -8.85
CA ASN A 60 23.12 1.80 -8.32
C ASN A 60 23.20 3.21 -7.77
N THR A 61 22.59 4.17 -8.45
CA THR A 61 22.59 5.55 -7.97
C THR A 61 21.77 5.69 -6.69
N LEU A 62 20.59 5.07 -6.66
CA LEU A 62 19.71 5.20 -5.50
C LEU A 62 20.38 4.71 -4.23
N GLU A 63 21.21 3.67 -4.31
CA GLU A 63 21.88 3.18 -3.11
C GLU A 63 22.99 4.13 -2.67
N GLN A 64 23.60 4.86 -3.59
CA GLN A 64 24.61 5.85 -3.21
C GLN A 64 23.96 7.00 -2.47
N ALA A 65 22.85 7.52 -2.98
CA ALA A 65 22.15 8.60 -2.29
C ALA A 65 21.58 8.13 -0.96
N THR A 66 21.17 6.87 -0.87
CA THR A 66 20.60 6.35 0.38
C THR A 66 21.66 6.31 1.48
N TRP A 67 22.84 5.76 1.19
CA TRP A 67 23.88 5.69 2.19
C TRP A 67 24.54 7.04 2.43
N SER A 68 24.45 7.97 1.48
CA SER A 68 24.87 9.34 1.76
C SER A 68 23.86 10.04 2.66
N PHE A 69 22.58 9.70 2.52
CA PHE A 69 21.55 10.33 3.35
C PHE A 69 21.59 9.79 4.77
N LEU A 70 21.69 8.47 4.94
CA LEU A 70 21.78 7.88 6.28
C LEU A 70 23.02 8.37 7.00
N LYS A 71 24.08 8.70 6.27
CA LYS A 71 25.29 9.24 6.89
C LYS A 71 25.02 10.60 7.51
N ASP A 72 24.27 11.46 6.81
CA ASP A 72 24.00 12.79 7.33
C ASP A 72 22.89 12.79 8.36
N LEU A 73 21.88 11.93 8.20
CA LEU A 73 20.85 11.80 9.22
C LEU A 73 21.44 11.31 10.54
N LYS A 74 22.42 10.41 10.47
CA LYS A 74 23.11 9.99 11.68
C LYS A 74 23.92 11.12 12.29
N ARG A 75 24.42 12.03 11.45
CA ARG A 75 25.16 13.18 11.98
C ARG A 75 24.25 14.11 12.77
N ILE A 76 23.02 14.32 12.30
CA ILE A 76 22.10 15.22 12.99
C ILE A 76 21.73 14.67 14.35
N THR A 77 21.48 13.35 14.44
CA THR A 77 21.11 12.75 15.71
C THR A 77 22.28 12.69 16.67
N ASP A 78 23.48 12.40 16.17
CA ASP A 78 24.65 12.28 17.03
C ASP A 78 25.08 13.61 17.62
N SER A 79 24.67 14.73 17.03
CA SER A 79 24.94 16.02 17.64
C SER A 79 24.00 16.25 18.82
N ASP A 80 24.42 17.15 19.71
CA ASP A 80 23.59 17.55 20.84
C ASP A 80 23.06 18.96 20.67
N LEU A 81 23.02 19.46 19.44
CA LEU A 81 22.45 20.78 19.17
C LEU A 81 20.94 20.69 19.14
N LYS A 82 20.28 21.65 19.79
CA LYS A 82 18.83 21.74 19.81
C LYS A 82 18.44 23.20 19.72
N GLY A 83 17.13 23.45 19.76
CA GLY A 83 16.65 24.82 19.63
C GLY A 83 16.63 25.28 18.18
N GLU A 84 16.78 26.60 18.01
CA GLU A 84 16.77 27.18 16.66
C GLU A 84 17.94 26.67 15.82
N LEU A 85 19.00 26.16 16.45
CA LEU A 85 20.12 25.62 15.69
C LEU A 85 19.85 24.23 15.14
N PHE A 86 19.00 23.45 15.83
CA PHE A 86 18.68 22.12 15.35
C PHE A 86 17.89 22.19 14.05
N ILE A 87 16.80 22.97 14.04
CA ILE A 87 16.03 23.15 12.82
C ILE A 87 16.88 23.74 11.72
N LYS A 88 17.86 24.58 12.08
CA LYS A 88 18.73 25.19 11.08
C LYS A 88 19.68 24.17 10.46
N GLU A 89 20.30 23.33 11.29
CA GLU A 89 21.21 22.32 10.75
C GLU A 89 20.46 21.21 10.03
N LEU A 90 19.30 20.81 10.58
CA LEU A 90 18.48 19.79 9.95
C LEU A 90 17.99 20.24 8.57
N LEU A 91 17.73 21.54 8.41
CA LEU A 91 17.27 22.04 7.11
C LEU A 91 18.41 22.17 6.12
N TRP A 92 19.58 22.64 6.58
CA TRP A 92 20.76 22.63 5.74
C TRP A 92 21.15 21.21 5.34
N MET A 93 20.83 20.23 6.19
CA MET A 93 21.10 18.84 5.86
C MET A 93 20.22 18.36 4.72
N LEU A 94 18.91 18.51 4.85
CA LEU A 94 17.98 18.07 3.82
C LEU A 94 18.20 18.81 2.52
N ARG A 95 18.69 20.06 2.58
CA ARG A 95 19.05 20.78 1.36
C ARG A 95 20.38 20.30 0.79
N HIS A 96 21.30 19.85 1.65
CA HIS A 96 22.59 19.38 1.18
C HIS A 96 22.47 18.04 0.46
N GLN A 97 21.72 17.10 1.03
CA GLN A 97 21.58 15.80 0.40
C GLN A 97 20.80 15.88 -0.91
N LYS A 98 19.90 16.87 -1.02
CA LYS A 98 19.21 17.07 -2.29
C LYS A 98 20.17 17.55 -3.38
N ASP A 99 21.26 18.21 -2.99
CA ASP A 99 22.29 18.58 -3.95
C ASP A 99 23.20 17.41 -4.26
N ILE A 100 23.54 16.61 -3.24
CA ILE A 100 24.32 15.41 -3.47
C ILE A 100 23.56 14.46 -4.40
N PHE A 101 22.24 14.35 -4.20
CA PHE A 101 21.44 13.51 -5.08
C PHE A 101 21.42 14.06 -6.51
N ASN A 102 21.19 15.37 -6.66
CA ASN A 102 21.13 15.96 -7.99
C ASN A 102 22.44 15.84 -8.74
N ASN A 103 23.56 15.70 -8.03
CA ASN A 103 24.82 15.42 -8.71
C ASN A 103 24.87 13.98 -9.21
N LEU A 104 24.40 13.04 -8.39
CA LEU A 104 24.37 11.64 -8.81
C LEU A 104 23.42 11.43 -9.99
N ALA A 105 22.27 12.10 -9.97
CA ALA A 105 21.34 12.00 -11.09
C ALA A 105 21.89 12.66 -12.35
N ARG A 106 22.66 13.75 -12.19
CA ARG A 106 23.31 14.36 -13.35
C ARG A 106 24.47 13.50 -13.84
N GLN A 107 25.26 12.93 -12.92
CA GLN A 107 26.31 12.01 -13.31
C GLN A 107 25.74 10.74 -13.93
N PHE A 108 24.56 10.31 -13.48
CA PHE A 108 23.92 9.14 -14.07
C PHE A 108 23.62 9.36 -15.55
N GLN A 109 22.89 10.44 -15.86
CA GLN A 109 22.57 10.74 -17.24
C GLN A 109 23.79 11.13 -18.06
N LYS A 110 24.92 11.39 -17.42
CA LYS A 110 26.11 11.81 -18.16
C LYS A 110 26.84 10.63 -18.78
N GLU A 111 26.96 9.52 -18.06
CA GLU A 111 27.79 8.42 -18.50
C GLU A 111 27.19 7.03 -18.31
N VAL A 112 25.96 6.92 -17.82
CA VAL A 112 25.34 5.63 -17.55
C VAL A 112 24.00 5.48 -18.28
N LEU A 113 23.23 6.56 -18.39
CA LEU A 113 21.92 6.50 -19.04
C LEU A 113 22.08 6.27 -20.53
N CYS A 114 21.64 5.12 -21.00
CA CYS A 114 21.66 4.76 -22.42
C CYS A 114 23.02 5.04 -23.08
N PRO A 115 24.08 4.34 -22.67
CA PRO A 115 25.39 4.58 -23.26
C PRO A 115 25.61 3.89 -24.60
N ASN A 116 24.59 3.19 -25.10
CA ASN A 116 24.75 2.38 -26.31
C ASN A 116 24.96 3.28 -27.52
N LYS A 117 26.03 3.01 -28.27
CA LYS A 117 26.23 3.69 -29.54
C LYS A 117 25.37 3.11 -30.65
N CYS A 118 25.01 1.83 -30.54
CA CYS A 118 24.16 1.16 -31.51
C CYS A 118 23.12 0.32 -30.79
N GLY A 119 22.05 -0.01 -31.52
CA GLY A 119 21.10 -1.01 -31.05
C GLY A 119 20.19 -0.54 -29.94
N VAL A 120 19.33 -1.45 -29.52
CA VAL A 120 18.32 -1.21 -28.49
C VAL A 120 18.83 -1.75 -27.16
N MET A 121 18.74 -0.92 -26.12
CA MET A 121 19.17 -1.32 -24.78
C MET A 121 18.02 -1.10 -23.80
N SER A 122 17.95 -1.97 -22.79
CA SER A 122 16.93 -1.90 -21.76
C SER A 122 17.60 -1.76 -20.40
N GLN A 123 17.28 -0.69 -19.68
CA GLN A 123 17.88 -0.40 -18.38
C GLN A 123 16.81 -0.38 -17.30
N THR A 124 17.19 -0.80 -16.10
CA THR A 124 16.29 -0.82 -14.95
C THR A 124 16.38 0.52 -14.24
N LEU A 125 15.27 1.25 -14.22
CA LEU A 125 15.21 2.58 -13.62
C LEU A 125 14.14 2.64 -12.55
N ILE A 126 14.31 3.60 -11.66
CA ILE A 126 13.34 3.90 -10.60
C ILE A 126 12.94 5.37 -10.75
N TRP A 127 11.63 5.62 -10.85
CA TRP A 127 11.12 6.96 -11.04
C TRP A 127 10.75 7.55 -9.69
N CYS A 128 11.28 8.75 -9.42
CA CYS A 128 11.28 9.28 -8.06
C CYS A 128 9.91 9.80 -7.63
N LEU A 129 9.07 10.23 -8.57
CA LEU A 129 7.79 10.83 -8.18
C LEU A 129 6.87 9.80 -7.53
N LYS A 130 6.66 8.66 -8.18
CA LYS A 130 5.71 7.67 -7.71
C LYS A 130 6.38 6.36 -7.29
N CYS A 131 7.70 6.32 -7.21
CA CYS A 131 8.45 5.14 -6.77
C CYS A 131 8.15 3.92 -7.63
N GLU A 132 7.95 4.15 -8.93
CA GLU A 132 7.63 3.09 -9.87
C GLU A 132 8.89 2.68 -10.62
N LYS A 133 9.20 1.38 -10.58
CA LYS A 133 10.34 0.82 -11.30
C LYS A 133 9.86 0.23 -12.62
N GLN A 134 10.34 0.80 -13.73
CA GLN A 134 9.94 0.37 -15.06
C GLN A 134 11.19 0.14 -15.91
N LEU A 135 11.02 -0.68 -16.95
CA LEU A 135 12.10 -0.96 -17.89
C LEU A 135 12.17 0.16 -18.91
N HIS A 136 13.32 0.84 -18.98
CA HIS A 136 13.52 1.96 -19.89
C HIS A 136 14.19 1.47 -21.16
N ILE A 137 13.76 2.02 -22.30
CA ILE A 137 14.15 1.52 -23.62
C ILE A 137 14.95 2.59 -24.34
N CYS A 138 16.20 2.27 -24.66
CA CYS A 138 17.04 3.14 -25.47
C CYS A 138 16.91 2.70 -26.93
N ARG A 139 16.37 3.59 -27.77
CA ARG A 139 16.05 3.25 -29.15
C ARG A 139 17.13 3.82 -30.08
N LYS A 140 18.08 2.97 -30.46
CA LYS A 140 19.02 3.27 -31.52
C LYS A 140 18.89 2.19 -32.60
N SER A 141 19.30 2.56 -33.82
CA SER A 141 19.11 1.67 -34.96
C SER A 141 19.84 0.34 -34.75
N LEU A 142 19.17 -0.75 -35.12
CA LEU A 142 19.74 -2.08 -34.93
C LEU A 142 21.02 -2.27 -35.75
N ASP A 143 21.11 -1.62 -36.90
CA ASP A 143 22.26 -1.75 -37.78
C ASP A 143 23.53 -1.22 -37.10
N CYS A 144 24.36 -2.13 -36.59
CA CYS A 144 25.65 -1.76 -36.02
C CYS A 144 26.78 -1.86 -37.03
N GLY A 145 26.50 -1.54 -38.29
CA GLY A 145 27.52 -1.63 -39.32
C GLY A 145 27.86 -3.06 -39.68
N GLU A 146 28.94 -3.19 -40.44
CA GLU A 146 29.43 -4.48 -40.89
C GLU A 146 30.94 -4.56 -40.63
N ARG A 147 31.40 -5.75 -40.25
CA ARG A 147 32.81 -6.02 -40.05
C ARG A 147 33.39 -6.72 -41.27
N HIS A 148 34.71 -6.64 -41.41
CA HIS A 148 35.42 -7.21 -42.55
C HIS A 148 36.57 -8.08 -42.05
N ILE A 149 36.22 -9.10 -41.25
CA ILE A 149 37.23 -9.98 -40.68
C ILE A 149 37.77 -10.91 -41.76
N GLU A 150 39.08 -11.18 -41.70
CA GLU A 150 39.74 -12.05 -42.65
C GLU A 150 40.59 -13.06 -41.89
N VAL A 151 40.41 -14.34 -42.20
CA VAL A 151 41.15 -15.40 -41.54
C VAL A 151 41.76 -16.34 -42.57
N ARG A 153 43.04 -19.50 -44.18
CA ARG A 153 42.64 -20.89 -43.96
C ARG A 153 43.53 -21.55 -42.90
N SER A 154 43.11 -22.73 -42.44
CA SER A 154 43.83 -23.50 -41.44
C SER A 154 44.08 -22.68 -40.17
N ASP A 156 41.21 -20.41 -37.16
CA ASP A 156 39.80 -20.30 -36.82
C ASP A 156 39.23 -18.95 -37.23
N LEU A 157 37.95 -18.91 -37.54
CA LEU A 157 37.27 -17.67 -37.93
C LEU A 157 36.48 -17.11 -36.75
N LEU A 159 34.34 -14.40 -35.14
CA LEU A 159 33.23 -13.48 -35.36
C LEU A 159 32.73 -12.92 -34.04
N ASP A 160 33.24 -11.75 -33.67
CA ASP A 160 32.90 -11.12 -32.39
C ASP A 160 31.66 -10.25 -32.56
N CYS A 161 30.62 -10.54 -31.79
CA CYS A 161 29.37 -9.78 -31.84
C CYS A 161 29.09 -8.98 -30.59
N LEU A 162 29.76 -9.27 -29.48
CA LEU A 162 29.45 -8.56 -28.24
C LEU A 162 29.86 -7.11 -28.33
N LEU A 163 29.00 -6.23 -27.82
CA LEU A 163 29.30 -4.83 -27.62
C LEU A 163 29.57 -4.58 -26.13
N SER A 164 30.27 -3.48 -25.85
CA SER A 164 30.72 -3.22 -24.49
C SER A 164 29.55 -3.07 -23.52
N TRP A 165 28.39 -2.60 -24.02
CA TRP A 165 27.23 -2.38 -23.17
C TRP A 165 26.30 -3.58 -23.11
N HIS A 166 26.56 -4.64 -23.88
CA HIS A 166 25.71 -5.81 -23.83
C HIS A 166 25.68 -6.43 -22.44
N ARG A 167 26.79 -6.37 -21.72
CA ARG A 167 26.84 -6.94 -20.38
C ARG A 167 25.98 -6.17 -19.38
N ALA A 168 25.57 -4.96 -19.71
CA ALA A 168 24.79 -4.13 -18.79
C ALA A 168 23.31 -4.07 -19.13
N SER A 169 22.91 -4.51 -20.32
CA SER A 169 21.51 -4.48 -20.69
C SER A 169 20.73 -5.58 -19.97
N LYS A 170 19.41 -5.41 -19.93
CA LYS A 170 18.52 -6.36 -19.27
C LYS A 170 17.62 -7.03 -20.29
N GLY A 171 17.18 -8.24 -19.97
CA GLY A 171 16.33 -9.00 -20.86
C GLY A 171 17.05 -9.75 -21.95
N LEU A 172 18.38 -9.78 -21.94
CA LEU A 172 19.16 -10.47 -22.96
C LEU A 172 19.35 -11.93 -22.53
N THR A 173 18.64 -12.82 -23.21
CA THR A 173 18.75 -14.25 -22.91
C THR A 173 19.92 -14.90 -23.66
N ASP A 174 19.84 -14.92 -24.99
CA ASP A 174 20.87 -15.56 -25.79
C ASP A 174 20.95 -14.88 -27.15
N TYR A 175 22.15 -14.93 -27.74
CA TYR A 175 22.41 -14.37 -29.06
C TYR A 175 22.45 -15.49 -30.08
N SER A 176 21.73 -15.31 -31.19
CA SER A 176 21.66 -16.29 -32.26
C SER A 176 21.98 -15.61 -33.58
N PHE A 177 22.79 -16.26 -34.41
CA PHE A 177 23.11 -15.66 -35.69
C PHE A 177 23.33 -16.74 -36.74
N TYR A 178 23.19 -16.33 -37.99
CA TYR A 178 23.11 -17.22 -39.14
C TYR A 178 24.10 -16.79 -40.21
N ARG A 179 24.14 -17.55 -41.30
CA ARG A 179 24.98 -17.25 -42.45
C ARG A 179 24.07 -16.90 -43.62
N VAL A 180 24.06 -15.62 -44.00
CA VAL A 180 23.23 -15.16 -45.10
C VAL A 180 23.94 -15.46 -46.41
N TRP A 181 23.36 -16.34 -47.22
CA TRP A 181 23.96 -16.78 -48.46
C TRP A 181 23.76 -15.73 -49.56
N GLU A 182 24.33 -16.03 -50.74
CA GLU A 182 24.06 -15.21 -51.91
C GLU A 182 22.63 -15.35 -52.39
N ASN A 183 21.94 -16.42 -51.99
CA ASN A 183 20.51 -16.57 -52.23
C ASN A 183 19.66 -15.81 -51.21
N SER A 184 20.29 -14.95 -50.41
CA SER A 184 19.60 -14.14 -49.39
C SER A 184 18.84 -15.00 -48.38
N SER A 185 19.30 -16.24 -48.17
CA SER A 185 18.73 -17.14 -47.18
C SER A 185 19.63 -17.22 -45.96
N GLU A 186 19.02 -17.48 -44.81
CA GLU A 186 19.73 -17.50 -43.53
C GLU A 186 19.68 -18.91 -42.95
N THR A 187 20.84 -19.40 -42.51
CA THR A 187 20.95 -20.71 -41.90
C THR A 187 21.62 -20.55 -40.54
N LEU A 188 20.85 -20.82 -39.47
CA LEU A 188 21.33 -20.61 -38.10
C LEU A 188 22.57 -21.43 -37.82
N ILE A 189 23.74 -20.78 -37.84
CA ILE A 189 24.98 -21.49 -37.56
C ILE A 189 25.01 -21.98 -36.12
N ALA A 190 24.75 -21.07 -35.17
CA ALA A 190 24.76 -21.45 -33.76
C ALA A 190 23.99 -20.40 -32.97
N LYS A 191 23.45 -20.84 -31.84
CA LYS A 191 22.70 -19.98 -30.92
C LYS A 191 23.08 -20.36 -29.50
N GLY A 192 23.56 -19.39 -28.72
CA GLY A 192 23.94 -19.68 -27.35
C GLY A 192 24.21 -18.42 -26.58
N LYS A 193 24.46 -18.61 -25.28
CA LYS A 193 24.82 -17.52 -24.38
C LYS A 193 26.22 -16.99 -24.64
N GLU A 194 26.96 -17.58 -25.57
CA GLU A 194 28.31 -17.13 -25.91
C GLU A 194 28.23 -15.88 -26.79
N PRO A 195 29.06 -14.88 -26.52
CA PRO A 195 28.98 -13.63 -27.28
C PRO A 195 29.93 -13.57 -28.47
N TYR A 196 30.39 -14.73 -28.94
CA TYR A 196 31.36 -14.77 -30.02
C TYR A 196 31.12 -16.03 -30.86
N LEU A 197 32.07 -16.32 -31.75
CA LEU A 197 31.99 -17.47 -32.63
C LEU A 197 33.40 -17.92 -33.00
N THR A 198 33.60 -19.23 -33.07
CA THR A 198 34.90 -19.80 -33.41
C THR A 198 34.68 -21.16 -34.06
N LYS A 199 35.03 -21.28 -35.33
CA LYS A 199 34.93 -22.53 -36.07
C LYS A 199 36.33 -22.93 -36.52
N SER A 200 36.83 -24.05 -36.00
CA SER A 200 38.17 -24.50 -36.32
C SER A 200 38.24 -25.09 -37.72
N MET A 201 39.45 -25.09 -38.28
CA MET A 201 39.73 -25.63 -39.61
C MET A 201 38.85 -24.96 -40.67
N VAL A 202 38.99 -23.64 -40.77
CA VAL A 202 38.25 -22.88 -41.76
C VAL A 202 38.80 -23.17 -43.15
N GLY A 203 37.94 -23.05 -44.17
CA GLY A 203 38.33 -23.30 -45.52
C GLY A 203 37.85 -22.21 -46.46
N PRO A 204 38.21 -22.33 -47.75
CA PRO A 204 37.78 -21.33 -48.74
C PRO A 204 36.30 -21.39 -49.08
N GLU A 205 35.54 -22.30 -48.48
CA GLU A 205 34.11 -22.40 -48.74
C GLU A 205 33.26 -21.51 -47.84
N ASP A 206 33.85 -20.95 -46.78
CA ASP A 206 33.12 -20.11 -45.83
C ASP A 206 33.18 -18.64 -46.20
N ALA A 207 33.41 -18.31 -47.46
CA ALA A 207 33.49 -16.92 -47.89
C ALA A 207 32.10 -16.38 -48.22
N ASN A 209 28.96 -14.04 -46.41
CA ASN A 209 28.31 -13.01 -45.60
C ASN A 209 27.70 -13.60 -44.35
N TYR A 210 27.82 -12.88 -43.25
CA TYR A 210 27.23 -13.26 -41.97
C TYR A 210 26.32 -12.14 -41.46
N ARG A 211 25.64 -12.41 -40.35
CA ARG A 211 24.75 -11.45 -39.71
C ARG A 211 24.42 -11.88 -38.29
N CYS A 212 24.76 -11.05 -37.31
CA CYS A 212 24.49 -11.37 -35.92
C CYS A 212 23.12 -10.84 -35.50
N VAL A 213 22.53 -11.49 -34.50
CA VAL A 213 21.24 -11.08 -33.94
C VAL A 213 21.26 -11.35 -32.44
N LEU A 214 21.08 -10.30 -31.66
CA LEU A 214 20.95 -10.40 -30.21
C LEU A 214 19.50 -10.15 -29.83
N ASP A 215 18.90 -11.09 -29.13
CA ASP A 215 17.46 -11.10 -28.91
C ASP A 215 17.14 -10.86 -27.43
N THR A 216 16.14 -10.02 -27.19
CA THR A 216 15.65 -9.75 -25.84
C THR A 216 14.47 -10.66 -25.53
N ILE A 217 13.99 -10.56 -24.28
CA ILE A 217 12.85 -11.37 -23.86
C ILE A 217 11.56 -10.87 -24.51
N ASN A 218 11.21 -9.61 -24.25
CA ASN A 218 9.96 -9.05 -24.74
C ASN A 218 10.13 -7.66 -25.33
N GLN A 219 11.32 -7.36 -25.85
CA GLN A 219 11.59 -6.04 -26.42
C GLN A 219 12.18 -6.12 -27.83
N GLY A 220 12.03 -7.26 -28.49
CA GLY A 220 12.56 -7.42 -29.83
C GLY A 220 14.04 -7.77 -29.85
N HIS A 221 14.62 -7.62 -31.03
CA HIS A 221 16.05 -7.86 -31.19
C HIS A 221 16.84 -6.72 -30.58
N ALA A 222 17.88 -7.05 -29.81
CA ALA A 222 18.70 -6.02 -29.17
C ALA A 222 19.65 -5.39 -30.17
N THR A 223 20.52 -6.19 -30.77
CA THR A 223 21.49 -5.71 -31.76
C THR A 223 21.59 -6.70 -32.91
N VAL A 224 21.89 -6.17 -34.08
CA VAL A 224 22.23 -6.98 -35.25
C VAL A 224 23.51 -6.42 -35.86
N ILE A 225 24.39 -7.32 -36.30
CA ILE A 225 25.70 -6.94 -36.83
C ILE A 225 26.01 -7.83 -38.02
N ARG A 226 26.25 -7.22 -39.18
CA ARG A 226 26.62 -7.94 -40.38
C ARG A 226 28.14 -8.14 -40.44
N TYR A 227 28.56 -9.10 -41.26
CA TYR A 227 29.97 -9.46 -41.37
C TYR A 227 30.29 -9.86 -42.80
N ASP A 228 31.51 -9.53 -43.23
CA ASP A 228 32.04 -9.92 -44.53
C ASP A 228 33.36 -10.63 -44.31
N VAL A 229 33.36 -11.95 -44.48
CA VAL A 229 34.56 -12.75 -44.27
C VAL A 229 35.26 -13.02 -45.60
N CYS B 1 10.70 -12.00 -1.74
CA CYS B 1 11.48 -12.44 -2.89
C CYS B 1 10.85 -12.01 -4.20
N ILE B 2 10.56 -13.00 -5.06
CA ILE B 2 9.91 -12.73 -6.33
C ILE B 2 8.60 -11.99 -6.13
N LYS B 3 7.91 -12.26 -5.02
CA LYS B 3 6.69 -11.53 -4.70
C LYS B 3 6.98 -10.06 -4.40
N CYS B 4 8.20 -9.74 -3.96
CA CYS B 4 8.54 -8.36 -3.59
C CYS B 4 8.99 -7.53 -4.78
N ASP B 5 9.61 -8.16 -5.78
CA ASP B 5 10.13 -7.41 -6.92
C ASP B 5 8.98 -6.88 -7.77
N GLN B 6 8.98 -5.57 -8.00
CA GLN B 6 7.90 -4.94 -8.76
C GLN B 6 7.68 -5.37 -10.21
N PHE B 7 8.75 -5.80 -10.89
CA PHE B 7 8.60 -6.31 -12.26
C PHE B 7 7.86 -7.68 -12.36
N VAL B 8 7.74 -8.34 -11.22
CA VAL B 8 7.09 -9.65 -11.18
C VAL B 8 5.61 -9.33 -11.02
N THR B 9 5.25 -8.57 -9.98
CA THR B 9 3.84 -8.27 -9.73
C THR B 9 3.21 -7.57 -10.92
N ASP B 10 3.91 -6.63 -11.54
CA ASP B 10 3.41 -6.00 -12.75
C ASP B 10 3.33 -6.98 -13.90
N ALA B 11 4.30 -7.92 -13.97
CA ALA B 11 4.24 -8.94 -15.01
C ALA B 11 3.04 -9.85 -14.82
N LEU B 12 2.78 -10.26 -13.58
CA LEU B 12 1.60 -11.07 -13.30
C LEU B 12 0.31 -10.29 -13.55
N LYS B 13 0.36 -8.96 -13.42
CA LYS B 13 -0.81 -8.15 -13.71
C LYS B 13 -1.10 -8.12 -15.20
N THR B 14 -0.10 -7.82 -16.02
CA THR B 14 -0.27 -7.86 -17.46
C THR B 14 -0.47 -9.28 -17.97
N PHE B 15 -0.01 -10.28 -17.23
CA PHE B 15 -0.26 -11.67 -17.59
C PHE B 15 -1.75 -12.02 -17.50
N GLU B 16 -2.46 -11.40 -16.56
CA GLU B 16 -3.85 -11.77 -16.30
C GLU B 16 -4.81 -11.03 -17.23
N ASN B 17 -4.72 -9.71 -17.29
CA ASN B 17 -5.70 -8.92 -18.03
C ASN B 17 -5.47 -8.94 -19.54
N THR B 18 -4.32 -9.40 -20.01
CA THR B 18 -4.01 -9.40 -21.43
C THR B 18 -3.83 -10.79 -22.02
N TYR B 19 -2.96 -11.61 -21.41
CA TYR B 19 -2.56 -12.86 -22.03
C TYR B 19 -3.45 -14.05 -21.69
N LEU B 20 -4.18 -14.00 -20.57
CA LEU B 20 -4.98 -15.15 -20.17
C LEU B 20 -6.11 -15.44 -21.15
N ASN B 21 -6.59 -14.42 -21.87
CA ASN B 21 -7.66 -14.63 -22.83
C ASN B 21 -7.22 -15.49 -24.01
N ASP B 22 -5.91 -15.67 -24.20
CA ASP B 22 -5.41 -16.55 -25.26
C ASP B 22 -5.52 -18.02 -24.90
N HIS B 23 -5.58 -18.35 -23.61
CA HIS B 23 -5.44 -19.73 -23.16
C HIS B 23 -6.64 -20.23 -22.37
N LEU B 24 -7.23 -19.41 -21.52
CA LEU B 24 -8.34 -19.85 -20.70
C LEU B 24 -9.56 -18.96 -20.91
N PRO B 25 -10.76 -19.52 -20.88
CA PRO B 25 -11.97 -18.68 -20.90
C PRO B 25 -12.01 -17.77 -19.67
N HIS B 26 -12.76 -16.67 -19.83
CA HIS B 26 -12.64 -15.55 -18.91
C HIS B 26 -13.19 -15.84 -17.52
N ASP B 27 -14.08 -16.82 -17.38
CA ASP B 27 -14.78 -17.01 -16.12
C ASP B 27 -13.93 -17.65 -15.03
N ILE B 28 -12.66 -17.94 -15.29
CA ILE B 28 -11.81 -18.60 -14.30
C ILE B 28 -10.47 -17.90 -14.17
N HIS B 29 -10.33 -16.73 -14.80
CA HIS B 29 -9.08 -15.98 -14.71
C HIS B 29 -8.75 -15.64 -13.26
N LYS B 30 -9.73 -15.14 -12.52
CA LYS B 30 -9.50 -14.83 -11.10
C LYS B 30 -9.20 -16.09 -10.30
N ASN B 31 -9.78 -17.22 -10.69
CA ASN B 31 -9.51 -18.48 -9.98
C ASN B 31 -8.07 -18.93 -10.18
N VAL B 32 -7.58 -18.87 -11.42
CA VAL B 32 -6.21 -19.29 -11.70
C VAL B 32 -5.21 -18.37 -11.02
N MET B 33 -5.52 -17.06 -10.96
CA MET B 33 -4.59 -16.11 -10.36
C MET B 33 -4.48 -16.30 -8.85
N ARG B 34 -5.57 -16.70 -8.19
CA ARG B 34 -5.47 -17.03 -6.77
C ARG B 34 -4.54 -18.21 -6.55
N MET B 35 -4.47 -19.13 -7.51
CA MET B 35 -3.52 -20.24 -7.42
C MET B 35 -2.10 -19.77 -7.75
N VAL B 36 -1.95 -19.04 -8.85
CA VAL B 36 -0.61 -18.64 -9.30
C VAL B 36 0.06 -17.77 -8.24
N ASN B 37 -0.66 -16.78 -7.71
CA ASN B 37 -0.08 -15.89 -6.71
C ASN B 37 0.20 -16.63 -5.40
N HIS B 38 -0.63 -17.63 -5.06
CA HIS B 38 -0.35 -18.40 -3.85
C HIS B 38 0.92 -19.24 -4.01
N GLU B 39 1.27 -19.60 -5.24
CA GLU B 39 2.53 -20.30 -5.48
C GLU B 39 3.71 -19.34 -5.40
N VAL B 40 3.60 -18.19 -6.05
CA VAL B 40 4.68 -17.20 -6.03
C VAL B 40 4.93 -16.69 -4.62
N SER B 41 3.89 -16.64 -3.79
CA SER B 41 4.02 -16.15 -2.43
C SER B 41 4.75 -17.12 -1.51
N SER B 42 4.90 -18.38 -1.91
CA SER B 42 5.60 -19.38 -1.10
C SER B 42 7.08 -19.51 -1.46
N PHE B 43 7.58 -18.68 -2.38
CA PHE B 43 9.00 -18.69 -2.73
C PHE B 43 9.82 -18.19 -1.55
N GLY B 44 10.52 -19.09 -0.87
CA GLY B 44 11.41 -18.72 0.21
C GLY B 44 10.89 -18.94 1.61
N VAL B 45 9.69 -19.52 1.76
CA VAL B 45 9.17 -19.80 3.09
C VAL B 45 10.01 -20.90 3.74
N VAL B 46 10.36 -20.69 5.02
CA VAL B 46 11.20 -21.65 5.72
C VAL B 46 10.44 -22.93 6.01
N THR B 47 9.16 -22.80 6.38
CA THR B 47 8.32 -23.94 6.74
C THR B 47 8.95 -24.79 7.84
N ALA B 49 11.51 -26.55 9.89
CA ALA B 49 12.40 -27.01 8.82
C ALA B 49 13.78 -26.38 8.97
N GLU B 50 14.80 -27.10 8.50
CA GLU B 50 16.19 -26.67 8.64
C GLU B 50 16.74 -25.99 7.39
N ASP B 51 15.93 -25.86 6.33
CA ASP B 51 16.37 -25.21 5.10
C ASP B 51 16.24 -23.69 5.25
N SER B 52 17.07 -23.13 6.14
CA SER B 52 17.05 -21.71 6.41
C SER B 52 17.66 -20.88 5.30
N TYR B 53 18.12 -21.49 4.20
CA TYR B 53 18.76 -20.74 3.13
C TYR B 53 17.74 -19.89 2.37
N LEU B 54 16.48 -20.31 2.33
CA LEU B 54 15.48 -19.60 1.55
C LEU B 54 14.87 -18.41 2.29
N GLY B 55 15.13 -18.27 3.59
CA GLY B 55 14.47 -17.23 4.36
C GLY B 55 14.81 -15.82 3.92
N ALA B 56 16.04 -15.61 3.44
CA ALA B 56 16.46 -14.28 3.02
C ALA B 56 17.45 -14.41 1.87
N VAL B 57 17.53 -13.35 1.07
CA VAL B 57 18.37 -13.33 -0.13
C VAL B 57 18.67 -11.88 -0.47
N ASP B 58 19.90 -11.63 -0.94
CA ASP B 58 20.33 -10.28 -1.24
C ASP B 58 19.73 -9.79 -2.55
N GLU B 59 20.09 -8.57 -2.93
CA GLU B 59 19.49 -7.95 -4.10
C GLU B 59 19.95 -8.62 -5.39
N ASN B 60 21.23 -9.00 -5.47
CA ASN B 60 21.75 -9.60 -6.69
C ASN B 60 21.11 -10.94 -6.99
N THR B 61 20.98 -11.79 -5.96
CA THR B 61 20.33 -13.09 -6.14
C THR B 61 18.86 -12.93 -6.52
N LEU B 62 18.20 -11.90 -5.97
CA LEU B 62 16.81 -11.64 -6.31
C LEU B 62 16.66 -11.36 -7.80
N GLU B 63 17.49 -10.48 -8.34
CA GLU B 63 17.42 -10.13 -9.75
C GLU B 63 17.64 -11.35 -10.65
N GLN B 64 18.47 -12.29 -10.20
CA GLN B 64 18.68 -13.52 -10.98
C GLN B 64 17.40 -14.35 -11.05
N ALA B 65 16.73 -14.55 -9.90
CA ALA B 65 15.52 -15.34 -9.89
C ALA B 65 14.37 -14.64 -10.61
N THR B 66 14.36 -13.31 -10.61
CA THR B 66 13.26 -12.57 -11.23
C THR B 66 13.29 -12.69 -12.75
N TRP B 67 14.46 -12.44 -13.35
CA TRP B 67 14.57 -12.53 -14.81
C TRP B 67 14.49 -13.97 -15.30
N SER B 68 14.78 -14.94 -14.44
CA SER B 68 14.53 -16.34 -14.80
C SER B 68 13.05 -16.65 -14.76
N PHE B 69 12.29 -15.99 -13.87
CA PHE B 69 10.87 -16.24 -13.76
C PHE B 69 10.12 -15.69 -14.98
N LEU B 70 10.21 -14.37 -15.20
CA LEU B 70 9.50 -13.78 -16.33
C LEU B 70 10.12 -14.13 -17.67
N LYS B 71 11.19 -14.91 -17.70
CA LYS B 71 11.61 -15.55 -18.94
C LYS B 71 10.75 -16.73 -19.38
N ASP B 72 10.53 -17.69 -18.48
CA ASP B 72 9.60 -18.78 -18.76
C ASP B 72 8.12 -18.37 -18.66
N LEU B 73 7.87 -17.25 -17.99
CA LEU B 73 6.51 -16.69 -17.95
C LEU B 73 6.26 -16.26 -19.38
N LYS B 74 7.27 -15.67 -20.03
CA LYS B 74 7.14 -15.34 -21.45
C LYS B 74 6.95 -16.60 -22.29
N ARG B 75 7.56 -17.72 -21.87
CA ARG B 75 7.34 -18.98 -22.58
C ARG B 75 5.88 -19.42 -22.48
N ILE B 76 5.26 -19.22 -21.31
CA ILE B 76 3.87 -19.62 -21.14
C ILE B 76 2.95 -18.74 -21.99
N THR B 77 3.16 -17.43 -21.97
CA THR B 77 2.30 -16.51 -22.71
C THR B 77 2.47 -16.69 -24.22
N ASP B 78 3.71 -16.72 -24.70
CA ASP B 78 3.96 -16.91 -26.13
C ASP B 78 3.71 -18.33 -26.59
N SER B 79 3.24 -19.21 -25.70
CA SER B 79 2.86 -20.55 -26.08
C SER B 79 1.47 -20.56 -26.72
N ASP B 80 1.02 -21.74 -27.13
CA ASP B 80 -0.33 -21.92 -27.65
C ASP B 80 -1.14 -22.90 -26.81
N LEU B 81 -0.65 -23.25 -25.61
CA LEU B 81 -1.33 -24.26 -24.81
C LEU B 81 -2.61 -23.71 -24.22
N LYS B 82 -3.65 -24.54 -24.23
CA LYS B 82 -4.95 -24.19 -23.68
C LYS B 82 -5.52 -25.43 -23.00
N GLY B 83 -6.65 -25.24 -22.32
CA GLY B 83 -7.31 -26.36 -21.68
C GLY B 83 -6.51 -26.91 -20.51
N GLU B 84 -6.49 -28.23 -20.40
CA GLU B 84 -5.89 -28.90 -19.26
C GLU B 84 -4.38 -28.73 -19.23
N LEU B 85 -3.71 -28.91 -20.37
CA LEU B 85 -2.26 -28.87 -20.39
C LEU B 85 -1.69 -27.46 -20.31
N PHE B 86 -2.54 -26.43 -20.37
CA PHE B 86 -2.06 -25.10 -20.01
C PHE B 86 -1.95 -24.98 -18.49
N ILE B 87 -2.98 -25.41 -17.77
CA ILE B 87 -2.89 -25.46 -16.31
C ILE B 87 -1.76 -26.38 -15.87
N LYS B 88 -1.55 -27.48 -16.61
CA LYS B 88 -0.48 -28.40 -16.27
C LYS B 88 0.89 -27.78 -16.53
N GLU B 89 1.07 -27.17 -17.70
CA GLU B 89 2.34 -26.51 -18.00
C GLU B 89 2.57 -25.31 -17.10
N LEU B 90 1.49 -24.63 -16.69
CA LEU B 90 1.63 -23.49 -15.79
C LEU B 90 2.19 -23.91 -14.44
N LEU B 91 1.72 -25.03 -13.91
CA LEU B 91 2.24 -25.51 -12.63
C LEU B 91 3.65 -26.06 -12.76
N TRP B 92 3.98 -26.68 -13.90
CA TRP B 92 5.34 -27.15 -14.12
C TRP B 92 6.33 -25.99 -14.12
N MET B 93 5.92 -24.82 -14.63
CA MET B 93 6.81 -23.66 -14.62
C MET B 93 6.94 -23.08 -13.22
N LEU B 94 5.80 -22.87 -12.54
CA LEU B 94 5.83 -22.36 -11.17
C LEU B 94 6.64 -23.27 -10.26
N ARG B 95 6.57 -24.58 -10.50
CA ARG B 95 7.37 -25.52 -9.72
C ARG B 95 8.83 -25.53 -10.20
N HIS B 96 9.07 -25.26 -11.48
CA HIS B 96 10.44 -25.24 -11.99
C HIS B 96 11.17 -24.00 -11.53
N GLN B 97 10.53 -22.84 -11.63
CA GLN B 97 11.16 -21.60 -11.18
C GLN B 97 11.41 -21.60 -9.69
N LYS B 98 10.54 -22.25 -8.91
CA LYS B 98 10.78 -22.37 -7.48
C LYS B 98 12.01 -23.21 -7.18
N ASP B 99 12.25 -24.24 -8.01
CA ASP B 99 13.49 -25.01 -7.87
C ASP B 99 14.70 -24.17 -8.27
N ILE B 100 14.59 -23.42 -9.37
CA ILE B 100 15.67 -22.54 -9.79
C ILE B 100 15.95 -21.49 -8.72
N PHE B 101 14.90 -21.04 -8.03
CA PHE B 101 15.10 -20.08 -6.95
C PHE B 101 15.80 -20.72 -5.76
N ASN B 102 15.40 -21.93 -5.39
CA ASN B 102 16.05 -22.62 -4.27
C ASN B 102 17.51 -22.94 -4.57
N ASN B 103 17.88 -23.02 -5.84
CA ASN B 103 19.29 -23.18 -6.19
C ASN B 103 20.05 -21.88 -5.98
N LEU B 104 19.48 -20.76 -6.44
CA LEU B 104 20.13 -19.46 -6.24
C LEU B 104 20.21 -19.10 -4.76
N ALA B 105 19.20 -19.48 -3.98
CA ALA B 105 19.22 -19.18 -2.54
C ALA B 105 20.27 -20.03 -1.83
N ARG B 106 20.43 -21.29 -2.24
CA ARG B 106 21.45 -22.14 -1.64
C ARG B 106 22.84 -21.71 -2.08
N GLN B 107 22.99 -21.35 -3.37
CA GLN B 107 24.26 -20.79 -3.84
C GLN B 107 24.59 -19.49 -3.13
N PHE B 108 23.58 -18.70 -2.79
CA PHE B 108 23.81 -17.43 -2.12
C PHE B 108 24.45 -17.63 -0.76
N GLN B 109 23.89 -18.52 0.06
CA GLN B 109 24.45 -18.78 1.38
C GLN B 109 25.82 -19.46 1.30
N LYS B 110 26.12 -20.12 0.19
CA LYS B 110 27.39 -20.84 0.09
C LYS B 110 28.53 -19.93 -0.35
N GLU B 111 28.28 -18.99 -1.26
CA GLU B 111 29.34 -18.24 -1.89
C GLU B 111 29.29 -16.73 -1.67
N VAL B 112 28.19 -16.18 -1.18
CA VAL B 112 28.04 -14.74 -1.04
C VAL B 112 27.72 -14.33 0.39
N LEU B 113 26.92 -15.11 1.10
CA LEU B 113 26.50 -14.74 2.44
C LEU B 113 27.70 -14.77 3.40
N CYS B 114 28.04 -13.59 3.94
CA CYS B 114 29.07 -13.45 4.96
C CYS B 114 30.39 -14.15 4.57
N PRO B 115 31.05 -13.68 3.51
CA PRO B 115 32.28 -14.37 3.09
C PRO B 115 33.45 -14.16 4.04
N ASN B 116 33.53 -13.00 4.69
CA ASN B 116 34.65 -12.72 5.60
C ASN B 116 34.58 -13.57 6.86
N MET B 121 30.94 -7.32 8.83
CA MET B 121 30.53 -6.92 7.49
C MET B 121 29.06 -6.54 7.45
N SER B 122 28.73 -5.52 6.66
CA SER B 122 27.36 -5.07 6.47
C SER B 122 26.89 -5.51 5.10
N GLN B 123 25.90 -6.38 5.06
CA GLN B 123 25.30 -6.85 3.82
C GLN B 123 23.79 -6.66 3.89
N THR B 124 23.23 -6.03 2.87
CA THR B 124 21.80 -5.75 2.81
C THR B 124 21.06 -6.93 2.21
N LEU B 125 20.04 -7.42 2.92
CA LEU B 125 19.24 -8.54 2.50
C LEU B 125 17.77 -8.16 2.51
N ILE B 126 16.98 -8.85 1.69
CA ILE B 126 15.53 -8.75 1.73
C ILE B 126 14.98 -10.08 2.21
N TRP B 127 14.02 -10.01 3.12
CA TRP B 127 13.33 -11.22 3.57
C TRP B 127 12.09 -11.42 2.72
N CYS B 128 11.65 -12.68 2.64
CA CYS B 128 10.64 -13.06 1.67
C CYS B 128 9.34 -13.56 2.28
N LEU B 129 9.25 -13.63 3.61
CA LEU B 129 7.97 -13.90 4.24
C LEU B 129 7.11 -12.64 4.28
N LYS B 130 7.71 -11.50 4.62
CA LYS B 130 6.99 -10.23 4.71
C LYS B 130 7.51 -9.17 3.75
N CYS B 131 8.48 -9.50 2.89
CA CYS B 131 9.01 -8.59 1.88
C CYS B 131 9.53 -7.29 2.51
N GLU B 132 10.63 -7.43 3.24
CA GLU B 132 11.23 -6.30 3.92
C GLU B 132 12.75 -6.42 3.88
N LYS B 133 13.41 -5.31 3.52
CA LYS B 133 14.86 -5.27 3.40
C LYS B 133 15.45 -4.76 4.71
N GLN B 134 16.29 -5.56 5.35
CA GLN B 134 16.98 -5.18 6.57
C GLN B 134 18.47 -5.45 6.43
N LEU B 135 19.27 -4.60 7.07
CA LEU B 135 20.71 -4.72 7.01
C LEU B 135 21.16 -5.86 7.93
N HIS B 136 21.82 -6.86 7.37
CA HIS B 136 22.28 -8.03 8.11
C HIS B 136 23.79 -7.94 8.29
N ILE B 137 24.24 -8.12 9.53
CA ILE B 137 25.65 -7.98 9.89
C ILE B 137 26.24 -9.37 10.11
N CYS B 138 27.51 -9.53 9.74
CA CYS B 138 28.21 -10.79 9.85
C CYS B 138 29.15 -10.78 11.05
N ARG B 139 29.81 -11.91 11.28
CA ARG B 139 30.70 -12.05 12.43
C ARG B 139 32.15 -11.78 12.00
N LYS B 140 32.44 -10.50 11.79
CA LYS B 140 33.79 -10.08 11.45
C LYS B 140 34.70 -10.18 12.66
N SER B 141 35.97 -10.47 12.40
CA SER B 141 36.98 -10.59 13.44
C SER B 141 37.99 -9.45 13.26
N LEU B 142 38.03 -8.54 14.22
CA LEU B 142 38.98 -7.43 14.18
C LEU B 142 40.40 -7.95 14.34
N ASP B 143 41.08 -8.22 13.23
CA ASP B 143 42.43 -8.75 13.26
C ASP B 143 43.22 -8.33 12.02
N CYS B 161 45.20 -1.45 4.05
CA CYS B 161 44.20 -1.83 5.05
C CYS B 161 42.96 -2.41 4.38
N LEU B 162 43.04 -2.58 3.06
CA LEU B 162 41.90 -3.06 2.30
C LEU B 162 41.79 -4.58 2.37
N LEU B 163 40.60 -5.07 2.69
CA LEU B 163 40.28 -6.48 2.56
C LEU B 163 39.41 -6.68 1.31
N SER B 164 39.37 -7.93 0.83
CA SER B 164 38.70 -8.23 -0.42
C SER B 164 37.21 -7.93 -0.38
N TRP B 165 36.61 -7.90 0.80
CA TRP B 165 35.17 -7.70 0.93
C TRP B 165 34.79 -6.28 1.32
N HIS B 166 35.77 -5.40 1.58
CA HIS B 166 35.45 -4.01 1.92
C HIS B 166 34.74 -3.30 0.79
N ARG B 167 35.07 -3.64 -0.46
CA ARG B 167 34.45 -2.98 -1.60
C ARG B 167 32.98 -3.35 -1.76
N ALA B 168 32.54 -4.46 -1.18
CA ALA B 168 31.16 -4.90 -1.31
C ALA B 168 30.32 -4.64 -0.07
N SER B 169 30.94 -4.35 1.07
CA SER B 169 30.19 -4.07 2.28
C SER B 169 29.54 -2.70 2.21
N LYS B 170 28.41 -2.57 2.88
CA LYS B 170 27.63 -1.33 2.88
C LYS B 170 27.92 -0.50 4.11
N GLY B 171 27.63 0.79 4.00
CA GLY B 171 27.77 1.71 5.11
C GLY B 171 29.19 2.02 5.54
N LEU B 172 30.20 1.48 4.85
CA LEU B 172 31.60 1.77 5.18
C LEU B 172 31.95 3.15 4.66
N THR B 173 32.05 4.13 5.56
CA THR B 173 32.23 5.52 5.17
C THR B 173 33.69 5.89 4.90
N ASP B 174 34.57 5.65 5.86
CA ASP B 174 35.95 6.11 5.72
C ASP B 174 36.89 5.16 6.46
N TYR B 175 38.18 5.39 6.27
CA TYR B 175 39.25 4.65 6.92
C TYR B 175 39.97 5.56 7.91
N SER B 176 40.78 4.94 8.78
CA SER B 176 41.52 5.68 9.78
C SER B 176 42.79 4.90 10.12
N PHE B 177 43.86 5.64 10.41
CA PHE B 177 45.15 5.06 10.73
C PHE B 177 45.73 5.72 11.98
N TYR B 178 46.53 4.96 12.71
CA TYR B 178 47.13 5.44 13.95
C TYR B 178 48.59 4.98 14.02
N ARG B 179 49.28 5.41 15.08
CA ARG B 179 50.66 5.00 15.33
C ARG B 179 50.84 4.97 16.85
N VAL B 180 50.81 3.78 17.42
CA VAL B 180 50.88 3.61 18.86
C VAL B 180 52.31 3.76 19.33
N TRP B 181 52.50 4.50 20.42
CA TRP B 181 53.83 4.72 20.99
C TRP B 181 54.11 3.67 22.07
N GLU B 182 55.29 3.78 22.68
CA GLU B 182 55.68 2.84 23.73
C GLU B 182 55.07 3.18 25.08
N ASN B 183 54.65 4.43 25.30
CA ASN B 183 54.03 4.83 26.54
C ASN B 183 52.50 4.73 26.49
N SER B 184 51.97 3.90 25.59
CA SER B 184 50.53 3.62 25.49
C SER B 184 49.73 4.87 25.14
N SER B 185 50.06 5.45 23.99
CA SER B 185 49.36 6.60 23.45
C SER B 185 49.26 6.47 21.94
N GLU B 186 48.04 6.66 21.42
CA GLU B 186 47.79 6.55 19.99
C GLU B 186 47.51 7.93 19.40
N THR B 187 47.93 8.12 18.15
CA THR B 187 47.73 9.37 17.44
C THR B 187 47.46 9.07 15.97
N LEU B 188 46.57 9.87 15.37
CA LEU B 188 46.16 9.64 14.00
C LEU B 188 47.12 10.30 13.01
N ILE B 189 47.27 9.66 11.86
CA ILE B 189 48.09 10.19 10.77
C ILE B 189 47.23 10.71 9.63
N ALA B 190 46.20 9.96 9.24
CA ALA B 190 45.29 10.38 8.19
C ALA B 190 44.00 9.60 8.31
N LYS B 191 42.93 10.18 7.77
CA LYS B 191 41.61 9.55 7.81
C LYS B 191 40.86 9.94 6.55
N GLY B 192 40.67 8.99 5.65
CA GLY B 192 39.98 9.24 4.41
C GLY B 192 39.44 7.98 3.80
N LYS B 193 39.21 8.03 2.49
CA LYS B 193 38.66 6.90 1.75
C LYS B 193 39.73 5.96 1.21
N GLU B 194 41.01 6.33 1.30
CA GLU B 194 42.08 5.48 0.81
C GLU B 194 42.32 4.34 1.79
N PRO B 195 42.38 3.10 1.32
CA PRO B 195 42.58 1.97 2.24
C PRO B 195 44.05 1.64 2.48
N TYR B 196 44.92 2.62 2.26
CA TYR B 196 46.35 2.42 2.47
C TYR B 196 47.04 3.71 2.90
N PRO B 204 64.89 5.59 11.11
CA PRO B 204 64.76 4.68 12.26
C PRO B 204 63.62 5.08 13.20
N GLU B 205 62.96 6.20 12.91
CA GLU B 205 61.83 6.65 13.71
C GLU B 205 60.52 5.96 13.34
N ASP B 206 60.40 5.49 12.09
CA ASP B 206 59.19 4.82 11.64
C ASP B 206 59.22 3.33 11.99
N CYS B 212 45.30 0.55 11.94
CA CYS B 212 44.17 0.89 11.09
C CYS B 212 42.85 0.50 11.75
N VAL B 213 41.80 1.29 11.48
CA VAL B 213 40.46 1.00 11.97
C VAL B 213 39.46 1.62 11.00
N LEU B 214 38.35 0.94 10.81
CA LEU B 214 37.30 1.38 9.89
C LEU B 214 36.05 1.77 10.67
N ASP B 215 35.24 2.62 10.05
CA ASP B 215 34.00 3.11 10.63
C ASP B 215 32.84 2.76 9.72
N THR B 216 31.65 2.68 10.32
CA THR B 216 30.40 2.52 9.60
C THR B 216 29.42 3.56 10.13
N ILE B 217 28.37 3.82 9.34
CA ILE B 217 27.39 4.83 9.69
C ILE B 217 26.74 4.51 11.03
N ASN B 218 26.10 3.34 11.10
CA ASN B 218 25.41 2.92 12.31
C ASN B 218 25.86 1.56 12.84
N GLN B 219 26.52 0.74 12.03
CA GLN B 219 26.85 -0.63 12.46
C GLN B 219 27.97 -0.66 13.48
N GLY B 220 29.00 0.18 13.31
CA GLY B 220 30.09 0.25 14.26
C GLY B 220 31.42 0.07 13.56
N HIS B 221 32.43 -0.29 14.34
CA HIS B 221 33.78 -0.46 13.82
C HIS B 221 33.83 -1.67 12.89
N ALA B 222 34.29 -1.45 11.65
CA ALA B 222 34.25 -2.50 10.64
C ALA B 222 35.43 -3.46 10.78
N THR B 223 36.65 -2.97 10.55
CA THR B 223 37.84 -3.79 10.65
C THR B 223 38.98 -3.01 11.27
N VAL B 224 39.75 -3.68 12.11
CA VAL B 224 40.97 -3.14 12.70
C VAL B 224 42.08 -4.15 12.48
N ILE B 225 43.13 -3.75 11.78
CA ILE B 225 44.28 -4.62 11.51
C ILE B 225 45.53 -3.90 12.02
N ARG B 226 46.26 -4.56 12.90
CA ARG B 226 47.48 -4.02 13.46
C ARG B 226 48.70 -4.54 12.70
N TYR B 227 49.79 -3.80 12.80
CA TYR B 227 51.02 -4.15 12.09
C TYR B 227 52.18 -4.31 13.07
N GLU C 1 -1.21 23.96 25.14
CA GLU C 1 -1.19 25.41 25.03
C GLU C 1 0.06 25.98 25.67
N VAL C 2 0.99 26.43 24.83
CA VAL C 2 2.27 26.98 25.28
C VAL C 2 2.09 28.45 25.62
N GLN C 3 2.50 28.83 26.83
CA GLN C 3 2.36 30.21 27.29
C GLN C 3 3.61 30.62 28.05
N LEU C 4 4.02 31.87 27.87
CA LEU C 4 5.17 32.45 28.54
C LEU C 4 4.72 33.70 29.28
N GLN C 5 4.65 33.62 30.59
CA GLN C 5 4.28 34.74 31.45
C GLN C 5 5.53 35.22 32.18
N GLN C 6 5.95 36.45 31.88
CA GLN C 6 7.18 36.99 32.45
C GLN C 6 6.86 38.03 33.52
N SER C 7 7.93 38.57 34.10
CA SER C 7 7.85 39.43 35.27
C SER C 7 7.08 40.71 34.97
N GLY C 8 6.77 41.45 36.04
CA GLY C 8 6.03 42.69 35.94
C GLY C 8 6.93 43.88 35.71
N ALA C 9 6.30 45.04 35.50
CA ALA C 9 7.02 46.25 35.13
C ALA C 9 7.93 46.69 36.27
N GLU C 10 9.19 46.99 35.92
CA GLU C 10 10.21 47.41 36.87
C GLU C 10 10.56 48.87 36.65
N LEU C 11 10.82 49.59 37.75
CA LEU C 11 11.25 50.98 37.70
C LEU C 11 12.33 51.16 38.75
N VAL C 12 13.53 51.52 38.32
CA VAL C 12 14.71 51.50 39.18
C VAL C 12 15.59 52.71 38.88
N LYS C 13 16.51 52.98 39.82
CA LYS C 13 17.46 54.07 39.74
C LYS C 13 18.68 53.67 38.90
N PRO C 14 19.37 54.65 38.32
CA PRO C 14 20.59 54.34 37.56
C PRO C 14 21.63 53.69 38.45
N GLY C 15 22.27 52.65 37.92
CA GLY C 15 23.28 51.90 38.64
C GLY C 15 22.76 50.64 39.31
N ALA C 16 21.47 50.56 39.60
CA ALA C 16 20.89 49.38 40.21
C ALA C 16 20.94 48.21 39.23
N SER C 17 20.49 47.04 39.71
CA SER C 17 20.42 45.85 38.88
C SER C 17 19.08 45.18 39.09
N VAL C 18 18.43 44.82 37.98
CA VAL C 18 17.14 44.12 38.03
C VAL C 18 17.36 42.71 37.51
N LYS C 19 16.50 41.80 37.96
CA LYS C 19 16.52 40.40 37.54
C LYS C 19 15.10 40.05 37.09
N LEU C 20 14.79 40.36 35.84
CA LEU C 20 13.46 40.10 35.30
C LEU C 20 13.34 38.64 34.90
N SER C 21 12.23 38.01 35.27
CA SER C 21 12.04 36.58 35.11
C SER C 21 11.10 36.28 33.94
N CYS C 22 10.88 34.99 33.70
CA CYS C 22 10.08 34.52 32.58
C CYS C 22 9.71 33.06 32.81
N THR C 23 8.45 32.77 33.09
CA THR C 23 8.00 31.43 33.44
C THR C 23 7.36 30.76 32.22
N ALA C 24 7.77 29.53 31.92
CA ALA C 24 7.33 28.82 30.74
C ALA C 24 6.28 27.76 31.11
N SER C 25 5.29 27.59 30.24
CA SER C 25 4.22 26.62 30.44
C SER C 25 3.92 25.93 29.13
N GLY C 26 3.57 24.64 29.20
CA GLY C 26 3.26 23.86 28.02
C GLY C 26 4.45 23.12 27.42
N PHE C 27 5.65 23.33 27.94
CA PHE C 27 6.83 22.64 27.46
C PHE C 27 7.89 22.73 28.54
N ASN C 28 8.69 21.67 28.65
CA ASN C 28 9.83 21.72 29.58
C ASN C 28 10.90 22.65 29.04
N ILE C 29 11.44 23.48 29.93
CA ILE C 29 12.38 24.51 29.50
C ILE C 29 13.71 23.91 29.08
N LYS C 30 14.06 22.75 29.66
CA LYS C 30 15.37 22.15 29.40
C LYS C 30 15.48 21.56 28.00
N ASP C 31 14.36 21.32 27.32
CA ASP C 31 14.37 20.74 25.98
C ASP C 31 14.51 21.78 24.88
N THR C 32 15.07 22.95 25.18
CA THR C 32 15.01 24.05 24.22
C THR C 32 15.93 25.18 24.64
N TYR C 33 16.23 26.05 23.66
CA TYR C 33 16.90 27.31 23.91
C TYR C 33 15.86 28.39 24.23
N MET C 34 16.28 29.40 24.98
CA MET C 34 15.40 30.52 25.32
C MET C 34 16.18 31.81 25.19
N HIS C 35 15.58 32.77 24.48
CA HIS C 35 16.27 34.01 24.09
C HIS C 35 15.62 35.21 24.78
N TRP C 36 16.39 36.30 24.81
CA TRP C 36 15.94 37.58 25.36
C TRP C 36 16.20 38.68 24.36
N VAL C 37 15.23 39.58 24.20
CA VAL C 37 15.29 40.65 23.21
C VAL C 37 14.79 41.93 23.86
N LYS C 38 15.50 43.03 23.62
CA LYS C 38 15.08 44.35 24.06
C LYS C 38 14.55 45.16 22.89
N GLN C 39 13.55 45.99 23.15
CA GLN C 39 12.92 46.79 22.12
C GLN C 39 12.76 48.23 22.59
N ARG C 40 13.16 49.17 21.74
CA ARG C 40 13.00 50.59 21.96
C ARG C 40 12.34 51.22 20.74
N PRO C 41 11.54 52.27 20.93
CA PRO C 41 10.82 52.84 19.78
C PRO C 41 11.72 53.52 18.76
N GLU C 42 12.94 53.91 19.13
CA GLU C 42 13.82 54.62 18.22
C GLU C 42 14.89 53.73 17.60
N GLN C 43 15.39 52.73 18.33
CA GLN C 43 16.49 51.90 17.85
C GLN C 43 16.06 50.52 17.41
N GLY C 44 14.78 50.19 17.50
CA GLY C 44 14.30 48.91 17.01
C GLY C 44 14.59 47.76 17.96
N LEU C 45 14.57 46.56 17.40
CA LEU C 45 14.80 45.35 18.17
C LEU C 45 16.30 45.04 18.26
N GLU C 46 16.70 44.47 19.39
CA GLU C 46 18.10 44.07 19.60
C GLU C 46 18.12 42.70 20.25
N TRP C 47 18.87 41.77 19.66
CA TRP C 47 19.02 40.44 20.22
C TRP C 47 20.07 40.46 21.32
N ILE C 48 19.71 39.93 22.49
CA ILE C 48 20.59 39.96 23.66
C ILE C 48 21.38 38.66 23.74
N GLY C 49 20.68 37.54 23.82
CA GLY C 49 21.36 36.26 23.92
C GLY C 49 20.37 35.13 24.10
N ARG C 50 20.91 33.95 24.39
CA ARG C 50 20.13 32.74 24.57
C ARG C 50 20.69 31.95 25.74
N ILE C 51 19.99 30.88 26.10
CA ILE C 51 20.44 29.94 27.11
C ILE C 51 19.74 28.61 26.89
N ASP C 52 20.45 27.51 27.13
CA ASP C 52 19.82 26.20 27.23
C ASP C 52 19.87 25.76 28.68
N PRO C 53 18.75 25.74 29.41
CA PRO C 53 18.78 25.36 30.82
C PRO C 53 19.16 23.90 31.05
N ALA C 54 19.38 23.15 29.96
CA ALA C 54 19.86 21.79 30.11
C ALA C 54 21.32 21.75 30.53
N ASN C 55 22.15 22.61 29.93
CA ASN C 55 23.57 22.66 30.24
C ASN C 55 24.01 23.97 30.87
N GLY C 56 23.09 24.94 30.98
CA GLY C 56 23.42 26.22 31.61
C GLY C 56 24.26 27.15 30.77
N ASN C 57 24.50 26.83 29.50
CA ASN C 57 25.33 27.67 28.65
C ASN C 57 24.51 28.82 28.08
N SER C 58 25.18 29.97 27.91
CA SER C 58 24.55 31.14 27.36
C SER C 58 25.48 31.84 26.38
N LYS C 59 24.92 32.29 25.26
CA LYS C 59 25.62 33.09 24.26
C LYS C 59 25.03 34.49 24.27
N TYR C 60 25.85 35.48 23.92
CA TYR C 60 25.40 36.86 23.98
C TYR C 60 25.86 37.62 22.74
N ASP C 61 25.14 38.71 22.46
CA ASP C 61 25.66 39.77 21.62
C ASP C 61 26.79 40.44 22.39
N PRO C 62 28.02 40.46 21.85
CA PRO C 62 29.16 40.96 22.64
C PRO C 62 28.96 42.34 23.22
N LYS C 63 28.17 43.20 22.58
CA LYS C 63 27.94 44.54 23.11
C LYS C 63 27.02 44.53 24.33
N PHE C 64 26.41 43.39 24.66
CA PHE C 64 25.56 43.28 25.84
C PHE C 64 26.10 42.31 26.87
N GLN C 65 27.33 41.80 26.69
CA GLN C 65 27.85 40.81 27.62
C GLN C 65 28.24 41.41 28.96
N GLY C 66 28.61 42.70 28.99
CA GLY C 66 28.95 43.34 30.25
C GLY C 66 27.76 43.66 31.12
N LYS C 67 26.55 43.65 30.56
CA LYS C 67 25.35 44.04 31.29
C LYS C 67 24.38 42.90 31.54
N ALA C 68 24.18 42.01 30.57
CA ALA C 68 23.19 40.95 30.67
C ALA C 68 23.82 39.66 31.16
N THR C 69 23.07 38.92 31.96
CA THR C 69 23.44 37.57 32.38
C THR C 69 22.17 36.73 32.37
N ILE C 70 22.03 35.87 31.35
CA ILE C 70 20.82 35.08 31.16
C ILE C 70 21.01 33.74 31.88
N THR C 71 20.32 33.56 32.99
CA THR C 71 20.31 32.32 33.74
C THR C 71 18.92 31.69 33.67
N ALA C 72 18.80 30.48 34.22
CA ALA C 72 17.53 29.77 34.14
C ALA C 72 17.48 28.72 35.24
N ASP C 73 16.25 28.42 35.68
CA ASP C 73 15.99 27.40 36.70
C ASP C 73 15.23 26.27 36.02
N THR C 74 15.95 25.18 35.72
CA THR C 74 15.36 24.08 34.96
C THR C 74 14.24 23.37 35.72
N SER C 75 14.23 23.44 37.05
CA SER C 75 13.19 22.79 37.84
C SER C 75 11.94 23.63 37.99
N SER C 76 12.05 24.96 37.84
CA SER C 76 10.91 25.86 37.94
C SER C 76 10.39 26.32 36.59
N ASN C 77 11.02 25.88 35.49
CA ASN C 77 10.65 26.31 34.14
C ASN C 77 10.64 27.82 34.03
N THR C 78 11.71 28.44 34.52
CA THR C 78 11.82 29.90 34.57
C THR C 78 13.17 30.33 34.04
N ALA C 79 13.16 31.26 33.10
CA ALA C 79 14.36 31.89 32.57
C ALA C 79 14.46 33.31 33.11
N TYR C 80 15.67 33.71 33.51
CA TYR C 80 15.91 35.01 34.10
C TYR C 80 16.86 35.81 33.23
N LEU C 81 16.68 37.13 33.26
CA LEU C 81 17.60 38.07 32.62
C LEU C 81 17.97 39.13 33.65
N GLN C 82 19.24 39.16 34.05
CA GLN C 82 19.74 40.16 34.98
C GLN C 82 20.53 41.21 34.22
N LEU C 83 20.22 42.48 34.48
CA LEU C 83 20.88 43.61 33.86
C LEU C 83 21.57 44.43 34.94
N SER C 84 22.90 44.50 34.86
CA SER C 84 23.71 45.19 35.86
C SER C 84 24.26 46.50 35.29
N SER C 85 24.71 47.37 36.19
CA SER C 85 25.22 48.68 35.84
C SER C 85 24.20 49.46 35.00
N LEU C 86 22.96 49.47 35.49
CA LEU C 86 21.84 49.96 34.71
C LEU C 86 21.97 51.46 34.44
N THR C 87 21.79 51.84 33.18
CA THR C 87 21.86 53.23 32.75
C THR C 87 20.54 53.62 32.07
N SER C 88 20.45 54.89 31.69
CA SER C 88 19.23 55.38 31.04
C SER C 88 19.03 54.73 29.67
N GLU C 89 20.11 54.32 29.00
CA GLU C 89 19.99 53.66 27.71
C GLU C 89 19.35 52.28 27.81
N ASP C 90 19.12 51.78 29.03
CA ASP C 90 18.50 50.48 29.24
C ASP C 90 17.00 50.55 29.38
N THR C 91 16.42 51.75 29.39
CA THR C 91 14.97 51.89 29.40
C THR C 91 14.41 51.33 28.10
N ALA C 92 13.70 50.21 28.19
CA ALA C 92 13.15 49.53 27.02
C ALA C 92 12.19 48.46 27.52
N VAL C 93 11.56 47.77 26.57
CA VAL C 93 10.75 46.59 26.84
C VAL C 93 11.59 45.36 26.53
N TYR C 94 11.57 44.39 27.43
CA TYR C 94 12.41 43.20 27.31
C TYR C 94 11.52 41.98 27.15
N TYR C 95 11.76 41.21 26.08
CA TYR C 95 10.99 40.03 25.76
C TYR C 95 11.83 38.77 25.97
N CYS C 96 11.18 37.71 26.43
CA CYS C 96 11.75 36.38 26.47
C CYS C 96 11.03 35.48 25.47
N ALA C 97 11.79 34.68 24.74
CA ALA C 97 11.21 33.87 23.68
C ALA C 97 11.77 32.45 23.71
N ARG C 98 10.92 31.50 23.34
CA ARG C 98 11.33 30.13 23.07
C ARG C 98 11.49 29.96 21.56
N TRP C 99 12.53 29.21 21.16
CA TRP C 99 12.87 29.16 19.74
C TRP C 99 13.40 27.77 19.39
N ASP C 100 12.52 26.90 18.94
CA ASP C 100 12.87 25.59 18.46
C ASP C 100 11.67 25.25 17.64
N TYR C 101 11.78 25.44 16.33
CA TYR C 101 10.66 25.27 15.42
C TYR C 101 9.47 26.08 15.86
N GLY C 102 9.64 27.39 15.94
CA GLY C 102 8.55 28.23 16.31
C GLY C 102 9.04 29.18 17.34
N VAL C 103 8.54 30.38 17.35
CA VAL C 103 8.98 31.33 18.35
C VAL C 103 7.78 31.71 19.20
N TYR C 104 7.94 31.62 20.52
CA TYR C 104 6.87 31.90 21.48
C TYR C 104 7.38 32.96 22.45
N TRP C 105 6.77 34.14 22.39
CA TRP C 105 7.21 35.28 23.18
C TRP C 105 6.41 35.39 24.48
N GLY C 106 6.96 36.16 25.41
CA GLY C 106 6.20 36.60 26.56
C GLY C 106 5.59 37.98 26.33
N GLN C 107 4.72 38.39 27.24
CA GLN C 107 4.04 39.67 27.09
C GLN C 107 4.99 40.86 27.17
N GLY C 108 6.23 40.65 27.60
CA GLY C 108 7.18 41.75 27.66
C GLY C 108 7.17 42.44 29.02
N THR C 109 8.36 42.87 29.43
CA THR C 109 8.55 43.58 30.69
C THR C 109 9.11 44.96 30.39
N THR C 110 8.47 46.00 30.94
CA THR C 110 8.93 47.37 30.74
C THR C 110 9.93 47.71 31.84
N LEU C 111 11.15 48.05 31.44
CA LEU C 111 12.18 48.52 32.36
C LEU C 111 12.37 50.02 32.14
N THR C 112 12.20 50.79 33.20
CA THR C 112 12.38 52.23 33.17
C THR C 112 13.49 52.59 34.15
N VAL C 113 14.53 53.24 33.65
CA VAL C 113 15.71 53.57 34.45
C VAL C 113 15.84 55.08 34.47
N SER C 114 15.63 55.67 35.65
CA SER C 114 15.70 57.11 35.81
C SER C 114 15.79 57.44 37.28
N SER C 115 16.66 58.40 37.62
CA SER C 115 16.78 58.89 38.99
C SER C 115 15.74 59.93 39.33
N ALA C 116 14.63 59.97 38.60
CA ALA C 116 13.58 60.94 38.85
C ALA C 116 12.68 60.50 40.00
N LYS C 117 12.18 61.47 40.74
CA LYS C 117 11.22 61.24 41.81
C LYS C 117 9.81 61.46 41.29
N THR C 118 8.86 60.73 41.88
CA THR C 118 7.47 60.82 41.44
C THR C 118 6.93 62.23 41.64
N THR C 119 6.56 62.87 40.54
CA THR C 119 6.04 64.24 40.56
C THR C 119 4.72 64.29 39.80
N PRO C 120 3.69 64.92 40.35
CA PRO C 120 2.40 65.00 39.66
C PRO C 120 2.46 66.01 38.54
N PRO C 121 1.63 65.84 37.50
CA PRO C 121 1.68 66.75 36.36
C PRO C 121 0.98 68.07 36.64
N SER C 122 1.59 69.15 36.17
CA SER C 122 0.95 70.46 36.16
C SER C 122 0.29 70.64 34.81
N VAL C 123 -1.03 70.86 34.83
CA VAL C 123 -1.85 70.90 33.61
C VAL C 123 -2.27 72.34 33.36
N TYR C 124 -2.03 72.82 32.14
CA TYR C 124 -2.38 74.17 31.73
C TYR C 124 -3.38 74.11 30.60
N PRO C 125 -4.54 74.77 30.73
CA PRO C 125 -5.51 74.77 29.63
C PRO C 125 -5.02 75.64 28.47
N LEU C 126 -5.25 75.17 27.26
CA LEU C 126 -4.83 75.85 26.04
C LEU C 126 -6.06 76.33 25.29
N ALA C 127 -6.20 77.66 25.18
CA ALA C 127 -7.32 78.30 24.51
C ALA C 127 -6.85 79.01 23.25
N PRO C 128 -7.71 79.11 22.22
CA PRO C 128 -7.34 79.80 20.98
C PRO C 128 -7.14 81.30 21.16
N SER C 136 -15.94 76.84 11.46
CA SER C 136 -17.07 75.98 11.73
C SER C 136 -16.85 75.18 13.01
N MET C 137 -15.63 74.68 13.18
CA MET C 137 -15.26 73.94 14.38
C MET C 137 -13.99 74.54 14.97
N VAL C 138 -13.88 74.46 16.29
CA VAL C 138 -12.76 75.03 17.03
C VAL C 138 -12.02 73.91 17.75
N THR C 139 -10.70 74.03 17.80
CA THR C 139 -9.84 73.07 18.47
C THR C 139 -9.40 73.62 19.81
N LEU C 140 -9.59 72.83 20.86
CA LEU C 140 -9.11 73.15 22.20
C LEU C 140 -7.96 72.21 22.56
N GLY C 141 -7.44 72.38 23.76
CA GLY C 141 -6.36 71.53 24.22
C GLY C 141 -5.95 71.88 25.63
N CYS C 142 -5.23 70.95 26.24
CA CYS C 142 -4.63 71.16 27.56
C CYS C 142 -3.29 70.45 27.60
N LEU C 143 -2.27 71.15 28.07
CA LEU C 143 -0.91 70.65 28.14
C LEU C 143 -0.62 70.12 29.53
N VAL C 144 -0.11 68.89 29.61
CA VAL C 144 0.43 68.36 30.86
C VAL C 144 1.95 68.42 30.76
N LYS C 145 2.59 68.77 31.87
CA LYS C 145 4.03 68.99 31.83
C LYS C 145 4.66 68.61 33.17
N GLY C 146 5.82 67.98 33.09
CA GLY C 146 6.64 67.69 34.25
C GLY C 146 6.08 66.66 35.21
N TYR C 147 5.78 65.47 34.71
CA TYR C 147 5.33 64.38 35.56
C TYR C 147 6.25 63.17 35.41
N PHE C 148 6.14 62.26 36.37
CA PHE C 148 6.90 61.01 36.40
C PHE C 148 6.34 60.14 37.52
N PRO C 149 6.20 58.82 37.30
CA PRO C 149 6.40 58.17 36.00
C PRO C 149 5.13 58.09 35.18
N GLU C 150 5.24 57.52 33.98
CA GLU C 150 4.08 57.25 33.16
C GLU C 150 3.28 56.09 33.76
N PRO C 151 2.00 55.94 33.39
CA PRO C 151 1.23 56.73 32.40
C PRO C 151 0.41 57.87 33.01
N VAL C 152 -0.29 58.58 32.13
CA VAL C 152 -1.21 59.64 32.51
C VAL C 152 -2.47 59.48 31.67
N THR C 153 -3.62 59.53 32.33
CA THR C 153 -4.92 59.40 31.66
C THR C 153 -5.51 60.78 31.46
N VAL C 154 -5.84 61.12 30.21
CA VAL C 154 -6.43 62.41 29.86
C VAL C 154 -7.76 62.14 29.16
N THR C 155 -8.85 62.57 29.80
CA THR C 155 -10.18 62.50 29.21
C THR C 155 -10.80 63.89 29.18
N TRP C 156 -11.77 64.07 28.29
CA TRP C 156 -12.44 65.34 28.10
C TRP C 156 -13.90 65.23 28.56
N ASN C 157 -14.29 66.13 29.45
CA ASN C 157 -15.67 66.20 29.96
C ASN C 157 -16.12 64.86 30.54
N SER C 158 -15.32 64.35 31.47
CA SER C 158 -15.57 63.06 32.13
C SER C 158 -15.68 61.91 31.14
N GLY C 159 -15.15 62.08 29.93
CA GLY C 159 -15.22 61.06 28.91
C GLY C 159 -16.40 61.18 27.97
N SER C 160 -17.25 62.19 28.13
CA SER C 160 -18.41 62.31 27.25
C SER C 160 -18.01 62.81 25.87
N LEU C 161 -17.04 63.71 25.79
CA LEU C 161 -16.53 64.21 24.51
C LEU C 161 -15.43 63.28 24.02
N SER C 162 -15.85 62.06 23.65
CA SER C 162 -14.91 61.04 23.21
C SER C 162 -14.40 61.30 21.80
N SER C 163 -15.31 61.52 20.85
CA SER C 163 -14.91 61.69 19.46
C SER C 163 -14.23 63.04 19.24
N GLY C 164 -13.32 63.07 18.28
CA GLY C 164 -12.61 64.28 17.95
C GLY C 164 -11.37 64.57 18.77
N VAL C 165 -10.96 63.65 19.64
CA VAL C 165 -9.79 63.84 20.48
C VAL C 165 -8.70 62.86 20.06
N HIS C 166 -7.45 63.31 20.20
CA HIS C 166 -6.29 62.43 20.03
C HIS C 166 -5.14 62.99 20.86
N THR C 167 -4.82 62.32 21.96
CA THR C 167 -3.73 62.74 22.81
C THR C 167 -2.40 62.30 22.20
N PHE C 168 -1.39 63.09 22.43
CA PHE C 168 -0.11 62.76 21.80
C PHE C 168 0.79 62.01 22.79
N PRO C 169 1.62 61.10 22.29
CA PRO C 169 2.50 60.35 23.19
C PRO C 169 3.50 61.28 23.87
N ALA C 170 3.76 61.00 25.14
CA ALA C 170 4.63 61.86 25.93
C ALA C 170 6.07 61.86 25.46
N VAL C 171 6.70 63.04 25.53
CA VAL C 171 8.12 63.20 25.26
C VAL C 171 8.82 63.71 26.51
N LEU C 172 9.77 62.93 27.03
CA LEU C 172 10.43 63.30 28.26
C LEU C 172 11.47 64.37 27.95
N GLN C 173 11.36 65.50 28.64
CA GLN C 173 12.29 66.61 28.51
C GLN C 173 12.92 66.85 29.87
N SER C 174 14.21 66.56 29.98
CA SER C 174 14.98 66.72 31.22
C SER C 174 14.38 65.85 32.33
N ASP C 175 14.38 64.54 32.10
CA ASP C 175 13.95 63.51 33.04
C ASP C 175 12.49 63.60 33.44
N LEU C 176 11.67 64.36 32.71
CA LEU C 176 10.26 64.51 33.05
C LEU C 176 9.42 64.42 31.79
N TYR C 177 8.34 63.64 31.86
CA TYR C 177 7.45 63.46 30.71
C TYR C 177 6.49 64.63 30.58
N THR C 178 6.15 64.96 29.33
CA THR C 178 5.16 65.98 29.01
C THR C 178 4.35 65.52 27.80
N LEU C 179 3.04 65.76 27.83
CA LEU C 179 2.19 65.50 26.67
C LEU C 179 1.03 66.49 26.69
N SER C 180 0.18 66.41 25.67
CA SER C 180 -0.98 67.27 25.57
C SER C 180 -2.01 66.61 24.67
N SER C 181 -3.25 67.08 24.78
CA SER C 181 -4.36 66.54 24.03
C SER C 181 -5.05 67.64 23.23
N SER C 182 -5.74 67.25 22.17
CA SER C 182 -6.48 68.16 21.32
C SER C 182 -7.91 67.65 21.18
N VAL C 183 -8.89 68.53 21.35
CA VAL C 183 -10.29 68.20 21.16
C VAL C 183 -10.88 69.23 20.19
N THR C 184 -11.47 68.75 19.10
CA THR C 184 -12.08 69.60 18.09
C THR C 184 -13.59 69.49 18.21
N VAL C 185 -14.25 70.61 18.46
CA VAL C 185 -15.69 70.63 18.68
C VAL C 185 -16.30 71.71 17.77
N PRO C 186 -17.59 71.57 17.44
CA PRO C 186 -18.24 72.62 16.65
C PRO C 186 -18.25 73.94 17.40
N SER C 187 -18.04 75.03 16.65
CA SER C 187 -17.90 76.35 17.25
C SER C 187 -19.19 76.83 17.91
N SER C 188 -20.34 76.24 17.57
CA SER C 188 -21.58 76.59 18.25
C SER C 188 -21.64 76.01 19.65
N THR C 189 -20.85 74.98 19.94
CA THR C 189 -20.86 74.36 21.26
C THR C 189 -20.01 75.15 22.25
N TRP C 190 -18.88 75.69 21.80
CA TRP C 190 -17.94 76.36 22.68
C TRP C 190 -17.83 77.84 22.32
N PRO C 191 -17.81 78.74 23.31
CA PRO C 191 -17.91 78.42 24.73
C PRO C 191 -19.34 78.37 25.26
N SER C 192 -20.30 78.08 24.39
CA SER C 192 -21.69 77.94 24.83
C SER C 192 -21.83 76.82 25.85
N GLU C 193 -21.09 75.73 25.66
CA GLU C 193 -21.02 74.64 26.62
C GLU C 193 -19.58 74.49 27.08
N THR C 194 -19.37 74.53 28.39
CA THR C 194 -18.02 74.51 28.95
C THR C 194 -17.36 73.16 28.70
N VAL C 195 -16.07 73.18 28.39
CA VAL C 195 -15.28 71.99 28.13
C VAL C 195 -14.15 71.94 29.15
N THR C 196 -14.14 70.89 29.97
CA THR C 196 -13.14 70.72 31.02
C THR C 196 -12.21 69.57 30.67
N CYS C 197 -10.93 69.73 30.98
CA CYS C 197 -9.90 68.76 30.68
C CYS C 197 -9.55 67.98 31.95
N ASN C 198 -9.74 66.66 31.92
CA ASN C 198 -9.55 65.80 33.08
C ASN C 198 -8.27 64.99 32.88
N VAL C 199 -7.31 65.18 33.78
CA VAL C 199 -6.02 64.51 33.72
C VAL C 199 -5.84 63.69 34.98
N ALA C 200 -5.49 62.41 34.82
CA ALA C 200 -5.27 61.50 35.94
C ALA C 200 -3.87 60.92 35.84
N HIS C 201 -3.19 60.87 36.99
CA HIS C 201 -1.82 60.36 37.09
C HIS C 201 -1.75 59.40 38.26
N PRO C 202 -2.09 58.12 38.05
CA PRO C 202 -2.21 57.19 39.18
C PRO C 202 -0.90 56.95 39.91
N ALA C 203 0.24 57.19 39.27
CA ALA C 203 1.53 57.00 39.95
C ALA C 203 1.62 57.84 41.21
N SER C 204 1.22 59.10 41.12
CA SER C 204 1.13 59.98 42.27
C SER C 204 -0.27 59.98 42.89
N SER C 205 -1.21 59.23 42.31
CA SER C 205 -2.61 59.20 42.74
C SER C 205 -3.17 60.62 42.83
N THR C 206 -3.02 61.37 41.74
CA THR C 206 -3.50 62.74 41.66
C THR C 206 -4.33 62.93 40.39
N LYS C 207 -5.33 63.81 40.50
CA LYS C 207 -6.15 64.20 39.37
C LYS C 207 -6.26 65.71 39.34
N VAL C 208 -6.52 66.26 38.16
CA VAL C 208 -6.66 67.69 37.99
C VAL C 208 -7.64 67.95 36.85
N ASP C 209 -8.54 68.90 37.07
CA ASP C 209 -9.55 69.28 36.08
C ASP C 209 -9.38 70.76 35.77
N LYS C 210 -9.20 71.08 34.50
CA LYS C 210 -9.02 72.44 34.03
C LYS C 210 -10.10 72.77 33.01
N LYS C 211 -10.81 73.87 33.24
CA LYS C 211 -11.83 74.34 32.32
C LYS C 211 -11.17 75.21 31.24
N ILE C 212 -11.38 74.85 29.98
CA ILE C 212 -10.84 75.62 28.87
C ILE C 212 -11.64 76.91 28.74
N VAL C 213 -11.21 77.95 29.44
CA VAL C 213 -11.89 79.25 29.38
C VAL C 213 -11.37 80.02 28.18
N PRO C 214 -12.23 80.74 27.46
CA PRO C 214 -11.75 81.50 26.29
C PRO C 214 -10.79 82.61 26.70
N ARG C 215 -9.70 82.73 25.94
CA ARG C 215 -8.66 83.69 26.24
C ARG C 215 -9.12 85.14 26.04
N ASP D 1 28.93 42.86 13.05
CA ASP D 1 27.48 42.64 13.01
C ASP D 1 26.94 42.82 11.60
N ILE D 2 26.03 41.93 11.20
CA ILE D 2 25.37 42.05 9.90
C ILE D 2 24.29 43.11 9.99
N VAL D 3 24.25 44.01 9.02
CA VAL D 3 23.32 45.13 9.03
C VAL D 3 22.19 44.83 8.06
N LEU D 4 21.01 44.55 8.60
CA LEU D 4 19.80 44.38 7.79
C LEU D 4 19.10 45.73 7.69
N THR D 5 18.84 46.19 6.46
CA THR D 5 18.18 47.47 6.23
C THR D 5 16.93 47.25 5.40
N GLN D 6 15.79 47.59 5.98
CA GLN D 6 14.53 47.66 5.23
C GLN D 6 14.38 49.10 4.73
N SER D 7 14.60 49.30 3.44
CA SER D 7 14.70 50.65 2.88
C SER D 7 13.44 51.45 3.17
N GLN D 8 12.28 50.94 2.75
CA GLN D 8 11.02 51.61 3.05
C GLN D 8 10.78 51.63 4.55
N LYS D 9 10.84 52.81 5.16
CA LYS D 9 10.59 52.93 6.59
C LYS D 9 9.23 52.36 6.95
N PHE D 10 8.19 52.77 6.22
CA PHE D 10 6.89 52.13 6.25
C PHE D 10 6.17 52.53 4.98
N MET D 11 5.43 51.60 4.39
CA MET D 11 4.87 51.81 3.07
C MET D 11 3.34 51.65 3.08
N SER D 12 2.69 52.45 2.24
CA SER D 12 1.25 52.49 2.14
C SER D 12 0.72 51.35 1.28
N THR D 13 -0.58 51.09 1.42
CA THR D 13 -1.26 50.08 0.64
C THR D 13 -2.76 50.35 0.71
N SER D 14 -3.53 49.49 0.05
CA SER D 14 -4.98 49.52 0.09
C SER D 14 -5.50 48.28 0.78
N VAL D 15 -6.81 48.28 1.05
CA VAL D 15 -7.41 47.21 1.85
C VAL D 15 -7.43 45.86 1.16
N GLY D 16 -7.06 45.80 -0.12
CA GLY D 16 -7.11 44.54 -0.84
C GLY D 16 -5.86 44.22 -1.64
N ASP D 17 -5.03 45.23 -1.90
CA ASP D 17 -3.86 45.04 -2.74
C ASP D 17 -2.81 44.18 -2.02
N ARG D 18 -1.85 43.69 -2.80
CA ARG D 18 -0.75 42.93 -2.25
C ARG D 18 0.40 43.88 -1.89
N VAL D 19 1.10 43.56 -0.80
CA VAL D 19 2.21 44.36 -0.32
C VAL D 19 3.40 43.44 -0.11
N SER D 20 4.60 43.99 -0.31
CA SER D 20 5.83 43.19 -0.27
C SER D 20 6.92 43.98 0.45
N VAL D 21 7.24 43.56 1.68
CA VAL D 21 8.32 44.17 2.46
C VAL D 21 9.64 43.56 2.03
N THR D 22 10.69 44.39 1.97
CA THR D 22 12.02 43.94 1.59
C THR D 22 13.04 44.39 2.64
N CYS D 23 14.12 43.62 2.76
CA CYS D 23 15.23 44.02 3.59
C CYS D 23 16.52 43.42 3.02
N LYS D 24 17.58 44.21 3.05
CA LYS D 24 18.86 43.85 2.45
C LYS D 24 19.88 43.58 3.54
N ALA D 25 20.66 42.52 3.37
CA ALA D 25 21.71 42.16 4.32
C ALA D 25 23.06 42.66 3.79
N SER D 26 23.89 43.17 4.71
CA SER D 26 25.22 43.62 4.32
C SER D 26 26.16 42.48 3.98
N GLN D 27 25.79 41.23 4.30
CA GLN D 27 26.60 40.07 4.00
C GLN D 27 25.70 38.97 3.45
N ASN D 28 26.29 37.82 3.17
CA ASN D 28 25.55 36.65 2.68
C ASN D 28 24.93 35.94 3.86
N VAL D 29 23.59 35.96 3.95
CA VAL D 29 22.90 35.25 5.02
C VAL D 29 22.55 33.83 4.61
N ASP D 30 22.30 33.59 3.32
CA ASP D 30 22.15 32.25 2.75
C ASP D 30 20.95 31.52 3.35
N THR D 31 19.78 32.15 3.23
CA THR D 31 18.51 31.57 3.65
C THR D 31 18.52 31.23 5.14
N ASN D 32 18.75 32.25 5.95
CA ASN D 32 18.71 32.15 7.41
C ASN D 32 18.02 33.37 7.97
N VAL D 33 16.88 33.73 7.39
CA VAL D 33 16.16 34.95 7.70
C VAL D 33 14.73 34.59 8.12
N ALA D 34 14.28 35.17 9.22
CA ALA D 34 12.92 35.02 9.69
C ALA D 34 12.18 36.36 9.61
N TRP D 35 10.86 36.29 9.63
CA TRP D 35 10.01 37.48 9.60
C TRP D 35 9.07 37.44 10.79
N TYR D 36 8.82 38.62 11.37
CA TYR D 36 7.94 38.76 12.51
C TYR D 36 6.92 39.87 12.26
N GLN D 37 5.75 39.72 12.86
CA GLN D 37 4.71 40.73 12.84
C GLN D 37 4.47 41.20 14.27
N GLN D 38 4.43 42.51 14.48
CA GLN D 38 4.23 43.07 15.81
C GLN D 38 3.24 44.22 15.71
N LYS D 39 2.04 44.01 16.24
CA LYS D 39 1.09 45.08 16.46
C LYS D 39 1.49 45.87 17.70
N PRO D 40 1.17 47.17 17.75
CA PRO D 40 1.69 48.00 18.83
C PRO D 40 1.21 47.53 20.20
N GLY D 41 2.14 47.56 21.17
CA GLY D 41 1.86 47.18 22.53
C GLY D 41 2.11 45.72 22.86
N GLN D 42 1.94 44.83 21.89
CA GLN D 42 2.07 43.39 22.10
C GLN D 42 3.46 42.93 21.69
N SER D 43 3.75 41.66 22.03
CA SER D 43 4.99 41.04 21.58
C SER D 43 4.84 40.57 20.14
N PRO D 44 5.94 40.52 19.39
CA PRO D 44 5.86 40.09 17.98
C PRO D 44 5.39 38.64 17.86
N LYS D 45 4.95 38.30 16.66
CA LYS D 45 4.55 36.94 16.32
C LYS D 45 5.35 36.48 15.11
N ALA D 46 5.86 35.25 15.18
CA ALA D 46 6.70 34.73 14.11
C ALA D 46 5.83 34.23 12.96
N LEU D 47 6.22 34.58 11.75
CA LEU D 47 5.50 34.19 10.54
C LEU D 47 6.26 33.17 9.71
N ILE D 48 7.51 33.45 9.37
CA ILE D 48 8.27 32.68 8.41
C ILE D 48 9.64 32.36 8.99
N TYR D 49 10.11 31.15 8.75
CA TYR D 49 11.47 30.73 9.10
C TYR D 49 12.19 30.28 7.85
N SER D 50 13.49 30.56 7.78
CA SER D 50 14.33 30.20 6.63
C SER D 50 13.79 30.82 5.34
N ALA D 51 13.27 32.03 5.45
CA ALA D 51 12.92 32.88 4.31
C ALA D 51 11.71 32.43 3.51
N SER D 52 11.36 31.15 3.55
CA SER D 52 10.28 30.65 2.70
C SER D 52 9.31 29.79 3.51
N TYR D 53 9.83 29.05 4.48
CA TYR D 53 9.00 28.16 5.29
C TYR D 53 8.16 28.94 6.29
N ARG D 54 6.86 28.67 6.31
CA ARG D 54 5.93 29.39 7.17
C ARG D 54 5.43 28.47 8.27
N TYR D 55 5.16 29.07 9.44
CA TYR D 55 4.65 28.30 10.57
C TYR D 55 3.17 27.97 10.35
N SER D 56 2.66 27.10 11.22
CA SER D 56 1.34 26.52 10.99
C SER D 56 0.22 27.56 11.10
N GLY D 57 0.23 28.35 12.18
CA GLY D 57 -0.88 29.27 12.43
C GLY D 57 -0.94 30.43 11.46
N VAL D 58 0.13 30.71 10.74
CA VAL D 58 0.16 31.88 9.86
C VAL D 58 -0.77 31.64 8.68
N PRO D 59 -1.57 32.64 8.26
CA PRO D 59 -2.40 32.46 7.07
C PRO D 59 -1.55 32.32 5.82
N ASP D 60 -2.09 31.59 4.85
CA ASP D 60 -1.36 31.29 3.62
C ASP D 60 -1.14 32.52 2.74
N ARG D 61 -1.85 33.62 2.98
CA ARG D 61 -1.61 34.83 2.20
C ARG D 61 -0.21 35.39 2.45
N PHE D 62 0.31 35.20 3.66
CA PHE D 62 1.69 35.56 3.93
C PHE D 62 2.63 34.55 3.29
N THR D 63 3.66 35.07 2.63
CA THR D 63 4.66 34.21 2.00
C THR D 63 5.93 35.02 1.79
N GLY D 64 7.07 34.35 1.95
CA GLY D 64 8.35 35.02 1.82
C GLY D 64 9.25 34.29 0.85
N SER D 65 10.19 35.04 0.29
CA SER D 65 11.17 34.49 -0.63
C SER D 65 12.48 35.25 -0.41
N GLY D 66 13.43 35.04 -1.29
CA GLY D 66 14.70 35.72 -1.16
C GLY D 66 15.80 34.75 -0.74
N SER D 67 17.02 35.05 -1.18
CA SER D 67 18.18 34.24 -0.89
C SER D 67 19.42 35.11 -0.92
N GLY D 68 20.45 34.68 -0.20
CA GLY D 68 21.71 35.41 -0.17
C GLY D 68 21.65 36.74 0.56
N THR D 69 21.42 37.82 -0.19
CA THR D 69 21.42 39.17 0.37
C THR D 69 20.05 39.83 0.38
N ASP D 70 19.21 39.60 -0.63
CA ASP D 70 17.92 40.26 -0.76
C ASP D 70 16.81 39.32 -0.34
N PHE D 71 15.92 39.81 0.54
CA PHE D 71 14.79 39.05 1.04
C PHE D 71 13.54 39.89 0.98
N THR D 72 12.42 39.26 0.60
CA THR D 72 11.16 39.98 0.44
C THR D 72 10.02 39.19 1.08
N LEU D 73 9.27 39.85 1.95
CA LEU D 73 8.06 39.28 2.56
C LEU D 73 6.85 39.91 1.88
N THR D 74 6.04 39.07 1.24
CA THR D 74 4.90 39.53 0.45
C THR D 74 3.61 39.05 1.08
N ILE D 75 2.70 39.98 1.37
CA ILE D 75 1.36 39.68 1.84
C ILE D 75 0.43 39.79 0.63
N SER D 76 -0.18 38.67 0.24
CA SER D 76 -0.88 38.62 -1.04
C SER D 76 -2.22 39.34 -1.02
N ASN D 77 -2.99 39.19 0.06
CA ASN D 77 -4.33 39.79 0.15
C ASN D 77 -4.51 40.34 1.55
N VAL D 78 -4.10 41.60 1.75
CA VAL D 78 -4.12 42.18 3.09
C VAL D 78 -5.56 42.35 3.57
N GLN D 79 -5.73 42.33 4.88
CA GLN D 79 -6.95 42.69 5.56
C GLN D 79 -6.59 43.67 6.67
N SER D 80 -7.62 44.26 7.28
CA SER D 80 -7.38 45.23 8.34
C SER D 80 -6.62 44.60 9.50
N GLU D 81 -6.75 43.29 9.70
CA GLU D 81 -6.06 42.58 10.77
C GLU D 81 -4.57 42.41 10.49
N ASP D 82 -4.09 42.75 9.30
CA ASP D 82 -2.68 42.63 8.95
C ASP D 82 -1.92 43.93 9.07
N LEU D 83 -2.58 45.03 9.41
CA LEU D 83 -1.93 46.32 9.54
C LEU D 83 -1.08 46.33 10.81
N ALA D 84 0.23 46.17 10.64
CA ALA D 84 1.16 46.14 11.75
C ALA D 84 2.56 46.42 11.22
N GLU D 85 3.57 46.23 12.07
CA GLU D 85 4.96 46.41 11.70
C GLU D 85 5.61 45.06 11.47
N TYR D 86 6.51 44.99 10.50
CA TYR D 86 7.13 43.73 10.10
C TYR D 86 8.64 43.85 10.13
N PHE D 87 9.29 42.87 10.78
CA PHE D 87 10.73 42.84 10.95
C PHE D 87 11.30 41.59 10.28
N CYS D 88 12.44 41.75 9.61
CA CYS D 88 13.23 40.62 9.15
C CYS D 88 14.39 40.40 10.11
N GLN D 89 14.79 39.15 10.30
CA GLN D 89 15.83 38.83 11.26
C GLN D 89 16.80 37.82 10.66
N GLN D 90 18.08 38.15 10.65
CA GLN D 90 19.12 37.23 10.22
C GLN D 90 19.64 36.44 11.42
N TYR D 91 19.66 35.12 11.30
CA TYR D 91 20.24 34.26 12.32
C TYR D 91 21.27 33.31 11.71
N ASN D 92 21.96 33.76 10.66
CA ASN D 92 23.00 32.96 10.04
C ASN D 92 24.28 32.95 10.85
N SER D 93 24.59 34.06 11.53
CA SER D 93 25.83 34.19 12.28
C SER D 93 25.56 35.03 13.52
N TYR D 94 26.45 34.89 14.50
CA TYR D 94 26.28 35.72 15.68
C TYR D 94 26.94 37.08 15.49
N PRO D 95 26.36 38.15 16.05
CA PRO D 95 25.10 38.10 16.78
C PRO D 95 23.88 38.22 15.86
N TYR D 96 22.74 37.69 16.30
CA TYR D 96 21.51 37.88 15.55
C TYR D 96 21.17 39.35 15.49
N THR D 97 20.91 39.86 14.29
CA THR D 97 20.51 41.25 14.09
C THR D 97 19.10 41.31 13.52
N PHE D 98 18.45 42.46 13.71
CA PHE D 98 17.02 42.59 13.45
C PHE D 98 16.64 43.63 12.40
N GLY D 99 17.50 44.60 12.12
CA GLY D 99 17.16 45.62 11.14
C GLY D 99 15.96 46.47 11.52
N GLY D 100 15.65 47.46 10.70
CA GLY D 100 14.53 48.33 10.96
C GLY D 100 13.20 47.63 10.79
N GLY D 101 12.13 48.41 10.98
CA GLY D 101 10.78 47.92 10.82
C GLY D 101 10.13 48.41 9.53
N THR D 102 8.88 47.99 9.36
CA THR D 102 8.08 48.46 8.22
C THR D 102 6.61 48.32 8.62
N LYS D 103 5.92 49.44 8.78
CA LYS D 103 4.51 49.46 9.15
C LYS D 103 3.65 49.55 7.90
N LEU D 104 2.68 48.65 7.78
CA LEU D 104 1.79 48.62 6.62
C LEU D 104 0.59 49.49 6.91
N GLU D 105 0.73 50.79 6.61
CA GLU D 105 -0.38 51.73 6.73
C GLU D 105 -1.22 51.72 5.46
N ILE D 106 -2.43 52.26 5.56
CA ILE D 106 -3.37 52.30 4.44
C ILE D 106 -3.36 53.70 3.85
N LYS D 107 -3.36 53.76 2.52
CA LYS D 107 -3.25 55.03 1.82
C LYS D 107 -4.49 55.89 2.04
N ALA D 108 -4.28 57.20 2.13
CA ALA D 108 -5.36 58.16 2.27
C ALA D 108 -4.88 59.50 1.71
N ASP D 109 -5.69 60.54 1.91
CA ASP D 109 -5.35 61.88 1.46
C ASP D 109 -6.07 62.88 2.35
N ALA D 110 -5.30 63.70 3.08
CA ALA D 110 -5.89 64.65 4.00
C ALA D 110 -4.91 65.78 4.27
N ALA D 111 -5.41 67.01 4.21
CA ALA D 111 -4.63 68.18 4.57
C ALA D 111 -4.71 68.44 6.06
N PRO D 112 -3.59 68.79 6.70
CA PRO D 112 -3.62 69.00 8.15
C PRO D 112 -4.37 70.26 8.53
N THR D 113 -5.15 70.17 9.61
CA THR D 113 -5.80 71.33 10.20
C THR D 113 -4.90 71.85 11.32
N VAL D 114 -4.25 72.98 11.08
CA VAL D 114 -3.24 73.52 11.99
C VAL D 114 -3.92 74.41 13.01
N SER D 115 -3.42 74.37 14.24
CA SER D 115 -3.95 75.17 15.34
C SER D 115 -2.81 75.61 16.23
N ILE D 116 -2.70 76.92 16.44
CA ILE D 116 -1.67 77.51 17.29
C ILE D 116 -2.31 77.99 18.59
N PHE D 117 -1.61 77.80 19.69
CA PHE D 117 -2.11 78.16 21.02
C PHE D 117 -1.03 78.92 21.78
N PRO D 118 -1.26 80.17 22.17
CA PRO D 118 -0.28 80.88 22.99
C PRO D 118 -0.31 80.38 24.43
N PRO D 119 0.79 80.51 25.17
CA PRO D 119 0.80 80.05 26.56
C PRO D 119 -0.18 80.84 27.41
N SER D 120 -0.90 80.14 28.29
CA SER D 120 -1.94 80.76 29.08
C SER D 120 -1.36 81.38 30.35
N SER D 121 -2.24 81.98 31.16
CA SER D 121 -1.79 82.71 32.33
C SER D 121 -1.19 81.80 33.39
N GLU D 122 -1.69 80.57 33.51
CA GLU D 122 -1.18 79.65 34.53
C GLU D 122 0.29 79.32 34.28
N GLN D 123 0.62 78.90 33.06
CA GLN D 123 2.00 78.56 32.74
C GLN D 123 2.91 79.77 32.90
N LEU D 124 2.43 80.96 32.48
CA LEU D 124 3.25 82.16 32.59
C LEU D 124 3.60 82.47 34.04
N THR D 125 2.65 82.23 34.96
CA THR D 125 2.92 82.48 36.37
C THR D 125 3.90 81.47 36.95
N SER D 126 3.92 80.24 36.41
CA SER D 126 4.81 79.20 36.91
C SER D 126 6.26 79.41 36.48
N GLY D 127 6.56 80.48 35.76
CA GLY D 127 7.92 80.74 35.32
C GLY D 127 8.29 80.11 34.00
N GLY D 128 7.33 79.58 33.24
CA GLY D 128 7.61 78.96 31.97
C GLY D 128 6.67 79.47 30.90
N ALA D 129 7.03 79.18 29.65
CA ALA D 129 6.22 79.60 28.50
C ALA D 129 6.40 78.58 27.39
N SER D 130 5.37 77.77 27.16
CA SER D 130 5.37 76.75 26.12
C SER D 130 4.30 77.12 25.09
N VAL D 131 4.72 77.29 23.84
CA VAL D 131 3.82 77.59 22.74
C VAL D 131 3.64 76.32 21.92
N VAL D 132 2.41 75.82 21.85
CA VAL D 132 2.11 74.55 21.20
C VAL D 132 1.50 74.80 19.83
N CYS D 133 1.70 73.85 18.92
CA CYS D 133 1.04 73.85 17.63
C CYS D 133 0.49 72.45 17.38
N PHE D 134 -0.68 72.37 16.79
CA PHE D 134 -1.36 71.10 16.55
C PHE D 134 -1.58 70.91 15.05
N LEU D 135 -1.24 69.72 14.55
CA LEU D 135 -1.49 69.33 13.17
C LEU D 135 -2.30 68.04 13.22
N ASN D 136 -3.57 68.11 12.81
CA ASN D 136 -4.51 67.03 13.04
C ASN D 136 -5.08 66.51 11.72
N ASN D 137 -5.13 65.18 11.61
CA ASN D 137 -5.86 64.47 10.54
C ASN D 137 -5.30 64.83 9.16
N PHE D 138 -4.12 64.28 8.89
CA PHE D 138 -3.45 64.41 7.60
C PHE D 138 -2.76 63.09 7.30
N TYR D 139 -2.82 62.65 6.05
CA TYR D 139 -2.34 61.30 5.78
C TYR D 139 -0.82 61.21 5.66
N PRO D 140 -0.17 61.93 4.70
CA PRO D 140 1.28 61.71 4.50
C PRO D 140 2.06 61.95 5.78
N LYS D 141 2.46 60.86 6.44
CA LYS D 141 3.04 60.97 7.78
C LYS D 141 4.26 61.88 7.79
N ASP D 142 5.04 61.89 6.71
CA ASP D 142 6.19 62.80 6.61
C ASP D 142 5.68 64.22 6.44
N ILE D 143 5.84 65.03 7.48
CA ILE D 143 5.46 66.44 7.45
C ILE D 143 6.51 67.23 8.22
N ASN D 144 6.82 68.43 7.73
CA ASN D 144 7.89 69.24 8.29
C ASN D 144 7.31 70.54 8.82
N VAL D 145 7.53 70.81 10.10
CA VAL D 145 7.11 72.05 10.74
C VAL D 145 8.35 72.85 11.12
N LYS D 146 8.23 74.17 11.09
CA LYS D 146 9.34 75.06 11.41
C LYS D 146 8.81 76.26 12.17
N TRP D 147 9.35 76.49 13.37
CA TRP D 147 9.00 77.64 14.17
C TRP D 147 9.85 78.84 13.76
N LYS D 148 9.20 79.95 13.43
CA LYS D 148 9.86 81.18 13.06
C LYS D 148 9.40 82.30 13.98
N ILE D 149 10.28 82.74 14.88
CA ILE D 149 9.99 83.82 15.81
C ILE D 149 10.49 85.13 15.21
N ASP D 150 9.61 86.12 15.11
CA ASP D 150 9.91 87.40 14.48
C ASP D 150 10.43 87.24 13.06
N GLY D 151 9.97 86.20 12.37
CA GLY D 151 10.42 85.89 11.03
C GLY D 151 11.71 85.12 10.94
N SER D 152 12.48 85.04 12.02
CA SER D 152 13.73 84.29 12.04
C SER D 152 13.46 82.87 12.52
N GLU D 153 13.97 81.89 11.78
CA GLU D 153 13.72 80.50 12.10
C GLU D 153 14.44 80.10 13.39
N ARG D 154 13.71 79.49 14.30
CA ARG D 154 14.26 79.02 15.57
C ARG D 154 14.55 77.52 15.48
N GLN D 155 15.73 77.12 15.96
CA GLN D 155 16.17 75.74 15.88
C GLN D 155 15.95 74.96 17.17
N ASN D 156 16.38 75.51 18.30
CA ASN D 156 16.30 74.80 19.58
C ASN D 156 14.96 75.03 20.25
N GLY D 157 14.69 74.19 21.24
CA GLY D 157 13.50 74.30 22.06
C GLY D 157 12.27 73.58 21.55
N VAL D 158 12.28 73.14 20.30
CA VAL D 158 11.10 72.52 19.69
C VAL D 158 11.21 71.00 19.83
N LEU D 159 10.14 70.38 20.32
CA LEU D 159 10.05 68.93 20.40
C LEU D 159 8.63 68.53 19.99
N ASN D 160 8.53 67.47 19.19
CA ASN D 160 7.25 67.07 18.62
C ASN D 160 7.12 65.54 18.67
N SER D 161 5.86 65.09 18.56
CA SER D 161 5.55 63.67 18.60
C SER D 161 4.30 63.41 17.78
N TRP D 162 4.30 62.28 17.07
CA TRP D 162 3.17 61.88 16.23
C TRP D 162 2.33 60.84 16.95
N THR D 163 1.02 60.86 16.67
CA THR D 163 0.15 59.80 17.12
C THR D 163 0.22 58.61 16.16
N ASP D 164 -0.38 57.50 16.57
CA ASP D 164 -0.50 56.37 15.67
C ASP D 164 -1.66 56.61 14.70
N GLN D 165 -1.63 55.87 13.59
CA GLN D 165 -2.64 56.04 12.55
C GLN D 165 -4.02 55.70 13.10
N ASP D 166 -4.90 56.70 13.17
CA ASP D 166 -6.25 56.50 13.67
C ASP D 166 -6.97 55.45 12.82
N SER D 167 -7.51 54.43 13.49
CA SER D 167 -8.20 53.36 12.77
C SER D 167 -9.49 53.85 12.14
N LYS D 168 -10.17 54.81 12.77
CA LYS D 168 -11.43 55.30 12.23
C LYS D 168 -11.23 56.26 11.07
N ASP D 169 -10.27 57.18 11.18
CA ASP D 169 -10.07 58.21 10.18
C ASP D 169 -8.94 57.89 9.21
N SER D 170 -8.12 56.88 9.50
CA SER D 170 -6.98 56.51 8.65
C SER D 170 -6.01 57.67 8.44
N THR D 171 -5.87 58.52 9.45
CA THR D 171 -5.05 59.71 9.36
C THR D 171 -4.07 59.79 10.53
N TYR D 172 -3.01 60.55 10.33
CA TYR D 172 -2.03 60.84 11.36
C TYR D 172 -2.27 62.24 11.94
N SER D 173 -1.58 62.52 13.04
CA SER D 173 -1.72 63.81 13.71
C SER D 173 -0.47 64.07 14.54
N MET D 174 0.10 65.27 14.41
CA MET D 174 1.36 65.63 15.04
C MET D 174 1.19 66.93 15.82
N SER D 175 2.06 67.12 16.82
CA SER D 175 2.03 68.32 17.67
C SER D 175 3.44 68.76 17.96
N SER D 176 3.78 69.99 17.53
CA SER D 176 5.07 70.59 17.82
C SER D 176 4.90 71.66 18.89
N THR D 177 5.77 71.62 19.90
CA THR D 177 5.73 72.57 21.01
C THR D 177 7.13 73.12 21.22
N LEU D 178 7.23 74.44 21.38
CA LEU D 178 8.51 75.11 21.59
C LEU D 178 8.63 75.48 23.07
N THR D 179 9.30 74.62 23.84
CA THR D 179 9.50 74.88 25.26
C THR D 179 10.49 76.03 25.43
N LEU D 180 9.99 77.18 25.87
CA LEU D 180 10.80 78.38 26.02
C LEU D 180 10.78 78.84 27.47
N THR D 181 11.75 79.69 27.81
CA THR D 181 11.81 80.28 29.13
C THR D 181 10.81 81.43 29.25
N LYS D 182 10.53 81.81 30.49
CA LYS D 182 9.60 82.89 30.75
C LYS D 182 10.10 84.20 30.15
N ASP D 183 11.31 84.62 30.54
CA ASP D 183 11.85 85.90 30.08
C ASP D 183 12.06 85.91 28.57
N GLU D 184 12.44 84.76 27.99
CA GLU D 184 12.70 84.69 26.56
C GLU D 184 11.44 84.73 25.71
N TYR D 185 10.26 84.80 26.33
CA TYR D 185 8.99 84.81 25.60
C TYR D 185 8.55 86.22 25.23
N GLU D 186 8.47 87.12 26.21
CA GLU D 186 8.01 88.47 25.96
C GLU D 186 9.02 89.32 25.20
N ARG D 187 10.26 88.84 25.06
CA ARG D 187 11.25 89.59 24.30
C ARG D 187 10.86 89.69 22.83
N HIS D 188 10.21 88.66 22.29
CA HIS D 188 9.74 88.64 20.92
C HIS D 188 8.22 88.72 20.90
N ASN D 189 7.68 89.36 19.87
CA ASN D 189 6.25 89.63 19.78
C ASN D 189 5.58 88.91 18.62
N SER D 190 6.29 88.06 17.89
CA SER D 190 5.73 87.35 16.75
C SER D 190 6.09 85.87 16.85
N TYR D 191 5.09 85.01 16.65
CA TYR D 191 5.28 83.57 16.67
C TYR D 191 4.39 82.94 15.61
N THR D 192 4.98 82.09 14.76
CA THR D 192 4.27 81.46 13.66
C THR D 192 4.59 79.97 13.62
N CYS D 193 3.66 79.19 13.08
CA CYS D 193 3.88 77.79 12.72
C CYS D 193 4.00 77.72 11.20
N GLU D 194 5.20 77.38 10.72
CA GLU D 194 5.43 77.17 9.29
C GLU D 194 5.54 75.66 9.06
N ALA D 195 4.45 75.07 8.60
CA ALA D 195 4.36 73.61 8.42
C ALA D 195 4.40 73.29 6.94
N THR D 196 5.52 72.72 6.50
CA THR D 196 5.68 72.27 5.12
C THR D 196 5.20 70.82 5.01
N HIS D 197 4.35 70.56 4.02
CA HIS D 197 3.74 69.25 3.85
C HIS D 197 3.68 68.92 2.36
N LYS D 198 3.21 67.71 2.04
CA LYS D 198 3.08 67.26 0.67
C LYS D 198 1.67 67.42 0.11
N THR D 199 0.68 67.75 0.95
CA THR D 199 -0.69 67.88 0.47
C THR D 199 -0.94 69.21 -0.22
N SER D 200 -0.10 70.22 0.00
CA SER D 200 -0.32 71.54 -0.55
C SER D 200 0.99 72.10 -1.08
N THR D 201 0.93 72.74 -2.25
CA THR D 201 2.12 73.35 -2.83
C THR D 201 2.63 74.48 -1.94
N SER D 202 1.75 75.15 -1.22
CA SER D 202 2.10 76.21 -0.28
C SER D 202 1.77 75.79 1.14
N PRO D 203 2.61 76.13 2.11
CA PRO D 203 2.37 75.68 3.49
C PRO D 203 1.20 76.42 4.12
N ILE D 204 0.66 75.79 5.17
CA ILE D 204 -0.41 76.38 5.98
C ILE D 204 0.23 76.98 7.23
N VAL D 205 -0.01 78.27 7.46
CA VAL D 205 0.65 79.02 8.52
C VAL D 205 -0.38 79.58 9.47
N LYS D 206 -0.05 79.60 10.75
CA LYS D 206 -0.86 80.21 11.80
C LYS D 206 0.05 80.99 12.73
N SER D 207 -0.46 82.10 13.26
CA SER D 207 0.35 83.00 14.05
C SER D 207 -0.49 83.71 15.10
N PHE D 208 0.18 84.48 15.95
CA PHE D 208 -0.46 85.30 16.96
C PHE D 208 0.52 86.38 17.41
N ASN D 209 0.10 87.19 18.36
CA ASN D 209 0.97 88.23 18.92
C ASN D 209 0.95 88.20 20.45
N GLU E 1 -22.71 -18.70 -15.71
CA GLU E 1 -23.12 -20.01 -15.24
C GLU E 1 -22.89 -21.07 -16.30
N VAL E 2 -21.93 -21.95 -16.05
CA VAL E 2 -21.54 -22.97 -17.02
C VAL E 2 -22.53 -24.13 -16.97
N GLN E 3 -22.95 -24.59 -18.15
CA GLN E 3 -23.85 -25.72 -18.26
C GLN E 3 -23.60 -26.42 -19.59
N LEU E 4 -23.63 -27.76 -19.57
CA LEU E 4 -23.50 -28.57 -20.77
C LEU E 4 -24.66 -29.56 -20.79
N GLN E 5 -25.63 -29.34 -21.69
CA GLN E 5 -26.73 -30.27 -21.87
C GLN E 5 -26.50 -31.09 -23.12
N GLN E 6 -26.55 -32.42 -22.98
CA GLN E 6 -26.32 -33.35 -24.06
C GLN E 6 -27.65 -33.80 -24.66
N SER E 7 -27.56 -34.60 -25.72
CA SER E 7 -28.73 -35.26 -26.27
C SER E 7 -29.19 -36.36 -25.31
N GLY E 8 -30.35 -36.95 -25.62
CA GLY E 8 -30.97 -37.85 -24.67
C GLY E 8 -31.28 -39.25 -25.16
N ALA E 9 -30.63 -40.23 -24.55
CA ALA E 9 -31.01 -41.64 -24.59
C ALA E 9 -31.28 -42.11 -26.02
N GLU E 10 -30.21 -42.18 -26.80
CA GLU E 10 -30.29 -42.79 -28.12
C GLU E 10 -30.39 -44.30 -27.98
N LEU E 11 -31.22 -44.92 -28.83
CA LEU E 11 -31.43 -46.36 -28.82
C LEU E 11 -31.28 -46.85 -30.26
N VAL E 12 -30.21 -47.59 -30.53
CA VAL E 12 -29.84 -47.98 -31.88
C VAL E 12 -29.55 -49.48 -31.91
N LYS E 13 -29.55 -50.02 -33.14
CA LYS E 13 -29.32 -51.41 -33.47
C LYS E 13 -27.83 -51.69 -33.69
N PRO E 14 -27.38 -52.92 -33.43
CA PRO E 14 -25.97 -53.25 -33.68
C PRO E 14 -25.61 -53.07 -35.14
N GLY E 15 -24.40 -52.54 -35.37
CA GLY E 15 -23.93 -52.22 -36.69
C GLY E 15 -24.22 -50.81 -37.15
N ALA E 16 -25.15 -50.11 -36.49
CA ALA E 16 -25.55 -48.77 -36.88
C ALA E 16 -24.54 -47.75 -36.35
N SER E 17 -24.85 -46.47 -36.52
CA SER E 17 -24.02 -45.38 -36.03
C SER E 17 -24.92 -44.33 -35.38
N VAL E 18 -24.32 -43.52 -34.51
CA VAL E 18 -25.07 -42.48 -33.80
C VAL E 18 -24.12 -41.32 -33.54
N LYS E 19 -24.69 -40.11 -33.49
CA LYS E 19 -23.93 -38.89 -33.27
C LYS E 19 -24.48 -38.20 -32.03
N LEU E 20 -23.75 -38.31 -30.92
CA LEU E 20 -24.15 -37.68 -29.67
C LEU E 20 -23.70 -36.22 -29.65
N SER E 21 -24.52 -35.36 -29.05
CA SER E 21 -24.29 -33.92 -29.04
C SER E 21 -24.00 -33.43 -27.63
N CYS E 22 -23.50 -32.19 -27.55
CA CYS E 22 -23.10 -31.60 -26.27
C CYS E 22 -23.07 -30.08 -26.46
N THR E 23 -24.20 -29.44 -26.14
CA THR E 23 -24.36 -28.00 -26.34
C THR E 23 -23.89 -27.26 -25.08
N ALA E 24 -22.97 -26.31 -25.27
CA ALA E 24 -22.30 -25.64 -24.17
C ALA E 24 -22.76 -24.19 -24.06
N SER E 25 -23.11 -23.78 -22.85
CA SER E 25 -23.46 -22.40 -22.55
C SER E 25 -22.63 -21.91 -21.38
N GLY E 26 -22.42 -20.59 -21.32
CA GLY E 26 -21.60 -19.98 -20.30
C GLY E 26 -20.15 -19.82 -20.66
N PHE E 27 -19.71 -20.39 -21.80
CA PHE E 27 -18.35 -20.23 -22.27
C PHE E 27 -18.31 -20.64 -23.74
N ASN E 28 -17.28 -20.19 -24.44
CA ASN E 28 -17.05 -20.55 -25.82
C ASN E 28 -16.11 -21.75 -25.86
N ILE E 29 -16.57 -22.85 -26.47
CA ILE E 29 -15.73 -24.05 -26.55
C ILE E 29 -14.46 -23.77 -27.36
N LYS E 30 -14.48 -22.76 -28.22
CA LYS E 30 -13.31 -22.40 -29.01
C LYS E 30 -12.13 -21.98 -28.13
N ASP E 31 -12.32 -21.82 -26.82
CA ASP E 31 -11.26 -21.41 -25.92
C ASP E 31 -10.70 -22.57 -25.08
N THR E 32 -11.34 -23.73 -25.09
CA THR E 32 -10.93 -24.86 -24.24
C THR E 32 -10.92 -26.15 -25.05
N TYR E 33 -10.57 -27.23 -24.37
CA TYR E 33 -10.69 -28.58 -24.91
C TYR E 33 -12.03 -29.19 -24.46
N MET E 34 -12.56 -30.08 -25.28
CA MET E 34 -13.77 -30.83 -24.95
C MET E 34 -13.45 -32.32 -24.98
N HIS E 35 -13.77 -33.00 -23.88
CA HIS E 35 -13.47 -34.41 -23.70
C HIS E 35 -14.76 -35.22 -23.65
N TRP E 36 -14.64 -36.50 -23.98
CA TRP E 36 -15.71 -37.47 -23.85
C TRP E 36 -15.20 -38.66 -23.06
N VAL E 37 -16.02 -39.15 -22.14
CA VAL E 37 -15.69 -40.36 -21.40
C VAL E 37 -16.86 -41.34 -21.48
N LYS E 38 -16.53 -42.62 -21.48
CA LYS E 38 -17.48 -43.70 -21.49
C LYS E 38 -17.56 -44.32 -20.10
N GLN E 39 -18.75 -44.71 -19.68
CA GLN E 39 -18.93 -45.33 -18.37
C GLN E 39 -19.87 -46.52 -18.49
N ARG E 40 -19.36 -47.69 -18.12
CA ARG E 40 -20.10 -48.92 -17.94
C ARG E 40 -20.13 -49.28 -16.46
N PRO E 41 -21.18 -49.97 -16.00
CA PRO E 41 -21.26 -50.29 -14.56
C PRO E 41 -20.15 -51.19 -14.08
N GLU E 42 -19.63 -52.07 -14.94
CA GLU E 42 -18.60 -53.03 -14.54
C GLU E 42 -17.19 -52.53 -14.83
N GLN E 43 -16.98 -51.88 -15.97
CA GLN E 43 -15.64 -51.48 -16.39
C GLN E 43 -15.20 -50.13 -15.83
N GLY E 44 -16.14 -49.29 -15.42
CA GLY E 44 -15.79 -48.00 -14.85
C GLY E 44 -15.70 -46.87 -15.86
N LEU E 45 -14.89 -45.87 -15.57
CA LEU E 45 -14.71 -44.73 -16.45
C LEU E 45 -13.61 -45.02 -17.46
N GLU E 46 -13.81 -44.54 -18.69
CA GLU E 46 -12.84 -44.73 -19.77
C GLU E 46 -12.76 -43.44 -20.57
N TRP E 47 -11.60 -42.78 -20.52
CA TRP E 47 -11.37 -41.61 -21.36
C TRP E 47 -11.22 -42.04 -22.81
N ILE E 48 -11.96 -41.38 -23.70
CA ILE E 48 -11.98 -41.80 -25.10
C ILE E 48 -11.43 -40.75 -26.06
N GLY E 49 -11.38 -39.47 -25.70
CA GLY E 49 -10.82 -38.50 -26.62
C GLY E 49 -10.98 -37.08 -26.15
N ARG E 50 -10.35 -36.18 -26.91
CA ARG E 50 -10.31 -34.75 -26.65
C ARG E 50 -10.27 -34.02 -27.97
N ILE E 51 -11.02 -32.92 -28.08
CA ILE E 51 -11.02 -32.08 -29.27
C ILE E 51 -10.63 -30.66 -28.89
N ASP E 52 -9.89 -30.00 -29.79
CA ASP E 52 -9.58 -28.58 -29.72
C ASP E 52 -10.41 -27.89 -30.80
N PRO E 53 -11.61 -27.42 -30.49
CA PRO E 53 -12.50 -26.90 -31.55
C PRO E 53 -11.99 -25.63 -32.21
N ALA E 54 -10.84 -25.12 -31.77
CA ALA E 54 -10.23 -23.97 -32.43
C ALA E 54 -9.67 -24.37 -33.78
N ASN E 55 -8.65 -25.22 -33.78
CA ASN E 55 -8.04 -25.69 -35.03
C ASN E 55 -8.61 -27.01 -35.52
N GLY E 56 -9.41 -27.71 -34.71
CA GLY E 56 -10.18 -28.84 -35.17
C GLY E 56 -9.52 -30.20 -35.03
N ASN E 57 -8.28 -30.27 -34.56
CA ASN E 57 -7.62 -31.56 -34.37
C ASN E 57 -8.00 -32.17 -33.03
N SER E 58 -8.00 -33.50 -32.99
CA SER E 58 -8.44 -34.25 -31.83
C SER E 58 -7.54 -35.46 -31.62
N LYS E 59 -7.45 -35.91 -30.37
CA LYS E 59 -6.67 -37.08 -30.01
C LYS E 59 -7.56 -38.09 -29.29
N TYR E 60 -7.24 -39.37 -29.44
CA TYR E 60 -8.08 -40.45 -28.97
C TYR E 60 -7.24 -41.50 -28.23
N ASP E 61 -7.91 -42.24 -27.37
CA ASP E 61 -7.35 -43.49 -26.85
C ASP E 61 -7.27 -44.48 -28.00
N PRO E 62 -6.09 -45.03 -28.33
CA PRO E 62 -5.97 -45.89 -29.52
C PRO E 62 -6.96 -47.05 -29.57
N LYS E 63 -7.58 -47.40 -28.44
CA LYS E 63 -8.62 -48.41 -28.47
C LYS E 63 -9.98 -47.84 -28.89
N PHE E 64 -10.14 -46.52 -28.86
CA PHE E 64 -11.30 -45.84 -29.41
C PHE E 64 -11.01 -45.15 -30.74
N GLN E 65 -9.80 -45.29 -31.27
CA GLN E 65 -9.42 -44.57 -32.49
C GLN E 65 -10.32 -44.92 -33.67
N GLY E 66 -10.76 -46.17 -33.76
CA GLY E 66 -11.57 -46.58 -34.89
C GLY E 66 -13.04 -46.23 -34.76
N LYS E 67 -13.60 -46.40 -33.56
CA LYS E 67 -15.04 -46.29 -33.36
C LYS E 67 -15.52 -44.85 -33.13
N ALA E 68 -14.76 -44.07 -32.36
CA ALA E 68 -15.19 -42.74 -31.95
C ALA E 68 -14.62 -41.67 -32.85
N THR E 69 -15.47 -40.71 -33.23
CA THR E 69 -15.06 -39.52 -33.97
C THR E 69 -15.63 -38.30 -33.26
N ILE E 70 -14.76 -37.42 -32.78
CA ILE E 70 -15.17 -36.25 -32.02
C ILE E 70 -15.04 -35.02 -32.92
N THR E 71 -16.16 -34.36 -33.18
CA THR E 71 -16.22 -33.14 -33.98
C THR E 71 -16.83 -32.03 -33.13
N ALA E 72 -16.76 -30.81 -33.65
CA ALA E 72 -17.28 -29.65 -32.91
C ALA E 72 -17.61 -28.54 -33.88
N ASP E 73 -18.69 -27.82 -33.58
CA ASP E 73 -19.16 -26.69 -34.39
C ASP E 73 -18.97 -25.42 -33.55
N THR E 74 -17.92 -24.66 -33.87
CA THR E 74 -17.59 -23.49 -33.06
C THR E 74 -18.64 -22.39 -33.16
N SER E 75 -19.39 -22.33 -34.27
CA SER E 75 -20.42 -21.30 -34.42
C SER E 75 -21.54 -21.52 -33.42
N SER E 76 -22.00 -22.75 -33.29
CA SER E 76 -23.07 -23.04 -32.36
C SER E 76 -22.54 -23.60 -31.06
N ASN E 77 -21.22 -23.70 -30.96
CA ASN E 77 -20.54 -24.21 -29.78
C ASN E 77 -21.10 -25.47 -29.19
N THR E 78 -21.13 -26.47 -30.05
CA THR E 78 -21.60 -27.78 -29.71
C THR E 78 -20.53 -28.77 -30.07
N ALA E 79 -20.24 -29.67 -29.17
CA ALA E 79 -19.29 -30.76 -29.37
C ALA E 79 -20.06 -32.04 -29.67
N TYR E 80 -19.53 -32.84 -30.59
CA TYR E 80 -20.19 -34.05 -31.05
C TYR E 80 -19.28 -35.25 -30.81
N LEU E 81 -19.91 -36.40 -30.56
CA LEU E 81 -19.22 -37.69 -30.49
C LEU E 81 -19.94 -38.65 -31.41
N GLN E 82 -19.24 -39.10 -32.45
CA GLN E 82 -19.82 -39.98 -33.46
C GLN E 82 -19.28 -41.39 -33.24
N LEU E 83 -20.18 -42.34 -33.03
CA LEU E 83 -19.83 -43.74 -32.79
C LEU E 83 -20.36 -44.59 -33.93
N SER E 84 -19.48 -45.34 -34.57
CA SER E 84 -19.84 -46.15 -35.73
C SER E 84 -19.59 -47.62 -35.41
N SER E 85 -20.17 -48.48 -36.25
CA SER E 85 -20.05 -49.94 -36.13
C SER E 85 -20.40 -50.40 -34.72
N LEU E 86 -21.56 -49.94 -34.25
CA LEU E 86 -21.92 -50.12 -32.84
C LEU E 86 -22.17 -51.59 -32.51
N THR E 87 -21.55 -52.04 -31.44
CA THR E 87 -21.70 -53.40 -30.92
C THR E 87 -22.40 -53.35 -29.56
N SER E 88 -22.58 -54.53 -28.97
CA SER E 88 -23.17 -54.61 -27.64
C SER E 88 -22.25 -54.01 -26.59
N GLU E 89 -20.93 -54.04 -26.83
CA GLU E 89 -19.97 -53.49 -25.88
C GLU E 89 -20.06 -51.99 -25.74
N ASP E 90 -20.82 -51.31 -26.61
CA ASP E 90 -20.94 -49.86 -26.57
C ASP E 90 -22.12 -49.38 -25.74
N THR E 91 -22.92 -50.30 -25.19
CA THR E 91 -24.01 -49.92 -24.29
C THR E 91 -23.42 -49.34 -23.02
N ALA E 92 -23.44 -48.02 -22.90
CA ALA E 92 -22.80 -47.34 -21.78
C ALA E 92 -23.43 -45.97 -21.61
N VAL E 93 -22.88 -45.18 -20.68
CA VAL E 93 -23.25 -43.79 -20.49
C VAL E 93 -22.06 -42.94 -20.94
N TYR E 94 -22.32 -41.93 -21.76
CA TYR E 94 -21.28 -41.12 -22.37
C TYR E 94 -21.38 -39.69 -21.85
N TYR E 95 -20.31 -39.21 -21.22
CA TYR E 95 -20.26 -37.87 -20.67
C TYR E 95 -19.33 -37.01 -21.52
N CYS E 96 -19.79 -35.80 -21.83
CA CYS E 96 -18.93 -34.77 -22.39
C CYS E 96 -18.55 -33.81 -21.27
N ALA E 97 -17.34 -33.25 -21.36
CA ALA E 97 -16.84 -32.41 -20.28
C ALA E 97 -15.84 -31.39 -20.81
N ARG E 98 -16.04 -30.14 -20.43
CA ARG E 98 -15.03 -29.11 -20.59
C ARG E 98 -13.96 -29.30 -19.52
N TRP E 99 -12.69 -29.12 -19.90
CA TRP E 99 -11.57 -29.32 -18.98
C TRP E 99 -10.57 -28.18 -19.19
N ASP E 100 -10.70 -27.13 -18.39
CA ASP E 100 -9.69 -26.08 -18.30
C ASP E 100 -9.86 -25.43 -16.93
N TYR E 101 -8.87 -25.62 -16.06
CA TYR E 101 -9.00 -25.30 -14.64
C TYR E 101 -10.38 -25.73 -14.13
N GLY E 102 -10.55 -27.00 -13.87
CA GLY E 102 -11.86 -27.48 -13.48
C GLY E 102 -12.49 -28.30 -14.58
N VAL E 103 -13.29 -29.28 -14.17
CA VAL E 103 -13.97 -30.18 -15.09
C VAL E 103 -15.47 -30.03 -14.89
N TYR E 104 -16.16 -29.60 -15.94
CA TYR E 104 -17.61 -29.40 -15.92
C TYR E 104 -18.23 -30.44 -16.84
N TRP E 105 -19.10 -31.28 -16.30
CA TRP E 105 -19.66 -32.39 -17.04
C TRP E 105 -21.09 -32.10 -17.49
N GLY E 106 -21.56 -32.89 -18.46
CA GLY E 106 -22.95 -32.91 -18.83
C GLY E 106 -23.68 -34.04 -18.13
N GLN E 107 -25.01 -34.01 -18.24
CA GLN E 107 -25.82 -35.00 -17.54
C GLN E 107 -25.62 -36.41 -18.08
N GLY E 108 -24.97 -36.56 -19.23
CA GLY E 108 -24.66 -37.89 -19.74
C GLY E 108 -25.73 -38.43 -20.65
N THR E 109 -25.30 -39.23 -21.61
CA THR E 109 -26.20 -39.87 -22.58
C THR E 109 -26.07 -41.39 -22.41
N THR E 110 -27.21 -42.05 -22.23
CA THR E 110 -27.23 -43.50 -22.09
C THR E 110 -27.47 -44.11 -23.47
N LEU E 111 -26.43 -44.75 -24.01
CA LEU E 111 -26.53 -45.44 -25.29
C LEU E 111 -26.86 -46.91 -25.05
N THR E 112 -27.89 -47.41 -25.72
CA THR E 112 -28.33 -48.80 -25.60
C THR E 112 -28.30 -49.42 -26.99
N VAL E 113 -27.41 -50.39 -27.18
CA VAL E 113 -27.29 -51.10 -28.46
C VAL E 113 -27.85 -52.50 -28.26
N SER E 114 -28.99 -52.77 -28.90
CA SER E 114 -29.63 -54.07 -28.81
C SER E 114 -30.53 -54.24 -30.02
N SER E 115 -30.74 -55.49 -30.42
CA SER E 115 -31.63 -55.80 -31.54
C SER E 115 -32.90 -56.46 -31.01
N ALA E 116 -33.59 -55.79 -30.09
CA ALA E 116 -34.81 -56.30 -29.49
C ALA E 116 -35.92 -55.28 -29.70
N LYS E 117 -37.06 -55.75 -30.19
CA LYS E 117 -38.23 -54.88 -30.30
C LYS E 117 -38.77 -54.54 -28.92
N THR E 118 -39.41 -53.38 -28.81
CA THR E 118 -39.97 -52.96 -27.54
C THR E 118 -41.07 -53.92 -27.11
N THR E 119 -40.89 -54.56 -25.95
CA THR E 119 -41.85 -55.51 -25.44
C THR E 119 -42.26 -55.10 -24.03
N PRO E 120 -43.55 -55.18 -23.71
CA PRO E 120 -44.00 -54.88 -22.35
C PRO E 120 -43.62 -55.99 -21.40
N PRO E 121 -43.52 -55.70 -20.10
CA PRO E 121 -43.12 -56.73 -19.14
C PRO E 121 -44.25 -57.69 -18.80
N SER E 122 -43.85 -58.92 -18.50
CA SER E 122 -44.76 -59.92 -17.95
C SER E 122 -44.63 -59.91 -16.44
N VAL E 123 -45.72 -59.60 -15.74
CA VAL E 123 -45.71 -59.38 -14.29
C VAL E 123 -46.35 -60.58 -13.61
N TYR E 124 -45.63 -61.17 -12.67
CA TYR E 124 -46.11 -62.33 -11.93
C TYR E 124 -46.04 -62.07 -10.43
N PRO E 125 -47.06 -62.48 -9.67
CA PRO E 125 -47.03 -62.29 -8.22
C PRO E 125 -46.18 -63.35 -7.54
N LEU E 126 -45.45 -62.93 -6.50
CA LEU E 126 -44.63 -63.81 -5.69
C LEU E 126 -45.29 -63.95 -4.32
N ALA E 127 -45.81 -65.14 -4.02
CA ALA E 127 -46.53 -65.39 -2.79
C ALA E 127 -45.78 -66.40 -1.93
N PRO E 128 -45.86 -66.28 -0.60
CA PRO E 128 -45.19 -67.25 0.28
C PRO E 128 -45.95 -68.56 0.36
N GLY E 129 -45.46 -69.45 1.23
CA GLY E 129 -46.11 -70.74 1.41
C GLY E 129 -45.68 -71.45 2.69
N THR E 134 -46.34 -67.79 10.87
CA THR E 134 -45.09 -67.32 10.30
C THR E 134 -44.45 -66.25 11.17
N ASN E 135 -43.71 -65.33 10.54
CA ASN E 135 -43.01 -64.28 11.26
C ASN E 135 -43.96 -63.13 11.60
N SER E 136 -43.42 -62.12 12.28
CA SER E 136 -44.22 -60.94 12.60
C SER E 136 -44.49 -60.10 11.36
N MET E 137 -43.50 -59.99 10.47
CA MET E 137 -43.65 -59.32 9.20
C MET E 137 -43.43 -60.31 8.07
N VAL E 138 -44.24 -60.20 7.02
CA VAL E 138 -44.17 -61.10 5.88
C VAL E 138 -43.63 -60.33 4.68
N THR E 139 -42.97 -61.04 3.77
CA THR E 139 -42.39 -60.47 2.57
C THR E 139 -43.15 -60.97 1.35
N LEU E 140 -43.70 -60.04 0.57
CA LEU E 140 -44.32 -60.33 -0.71
C LEU E 140 -43.44 -59.80 -1.84
N GLY E 141 -43.65 -60.33 -3.04
CA GLY E 141 -42.80 -60.02 -4.16
C GLY E 141 -43.58 -59.84 -5.45
N CYS E 142 -42.86 -59.44 -6.49
CA CYS E 142 -43.46 -59.17 -7.79
C CYS E 142 -42.37 -59.27 -8.85
N LEU E 143 -42.52 -60.23 -9.76
CA LEU E 143 -41.50 -60.50 -10.76
C LEU E 143 -41.84 -59.80 -12.08
N VAL E 144 -40.88 -59.02 -12.59
CA VAL E 144 -41.04 -58.28 -13.83
C VAL E 144 -40.07 -58.91 -14.83
N LYS E 145 -40.61 -59.63 -15.82
CA LYS E 145 -39.79 -60.47 -16.68
C LYS E 145 -40.04 -60.17 -18.15
N GLY E 146 -38.96 -60.03 -18.91
CA GLY E 146 -39.03 -59.98 -20.36
C GLY E 146 -39.59 -58.68 -20.93
N TYR E 147 -38.97 -57.55 -20.59
CA TYR E 147 -39.36 -56.27 -21.15
C TYR E 147 -38.18 -55.61 -21.85
N PHE E 148 -38.50 -54.63 -22.68
CA PHE E 148 -37.50 -53.81 -23.37
C PHE E 148 -38.18 -52.59 -23.96
N PRO E 149 -37.55 -51.40 -23.89
CA PRO E 149 -36.30 -51.16 -23.16
C PRO E 149 -36.54 -50.73 -21.73
N GLU E 150 -35.47 -50.35 -21.04
CA GLU E 150 -35.59 -49.79 -19.71
C GLU E 150 -36.02 -48.33 -19.79
N PRO E 151 -36.60 -47.77 -18.71
CA PRO E 151 -36.83 -48.40 -17.40
C PRO E 151 -38.22 -48.99 -17.20
N VAL E 152 -38.45 -49.52 -16.01
CA VAL E 152 -39.76 -50.01 -15.58
C VAL E 152 -39.96 -49.59 -14.14
N THR E 153 -41.08 -48.93 -13.86
CA THR E 153 -41.39 -48.41 -12.53
C THR E 153 -42.33 -49.38 -11.82
N VAL E 154 -41.99 -49.72 -10.58
CA VAL E 154 -42.79 -50.65 -9.77
C VAL E 154 -43.08 -49.99 -8.44
N THR E 155 -44.36 -49.74 -8.16
CA THR E 155 -44.82 -49.25 -6.88
C THR E 155 -45.77 -50.26 -6.26
N TRP E 156 -46.08 -50.06 -4.98
CA TRP E 156 -46.91 -50.97 -4.21
C TRP E 156 -48.09 -50.21 -3.63
N ASN E 157 -49.29 -50.69 -3.91
CA ASN E 157 -50.55 -50.07 -3.45
C ASN E 157 -50.59 -48.59 -3.85
N SER E 158 -50.25 -48.34 -5.12
CA SER E 158 -50.33 -47.00 -5.72
C SER E 158 -49.46 -46.00 -4.97
N GLY E 159 -48.31 -46.46 -4.49
CA GLY E 159 -47.34 -45.59 -3.84
C GLY E 159 -47.59 -45.30 -2.38
N SER E 160 -48.78 -45.62 -1.85
CA SER E 160 -49.06 -45.38 -0.45
C SER E 160 -48.23 -46.24 0.47
N LEU E 161 -47.71 -47.36 -0.01
CA LEU E 161 -46.89 -48.29 0.75
C LEU E 161 -45.45 -48.11 0.27
N SER E 162 -44.71 -47.21 0.91
CA SER E 162 -43.37 -46.83 0.47
C SER E 162 -42.27 -47.58 1.20
N SER E 163 -42.28 -47.57 2.53
CA SER E 163 -41.21 -48.20 3.29
C SER E 163 -41.25 -49.72 3.15
N GLY E 164 -40.09 -50.34 3.24
CA GLY E 164 -39.98 -51.78 3.09
C GLY E 164 -40.02 -52.29 1.68
N VAL E 165 -39.80 -51.41 0.69
CA VAL E 165 -39.85 -51.77 -0.72
C VAL E 165 -38.44 -51.77 -1.27
N HIS E 166 -38.05 -52.87 -1.92
CA HIS E 166 -36.76 -52.98 -2.57
C HIS E 166 -36.98 -53.40 -4.02
N THR E 167 -36.57 -52.53 -4.95
CA THR E 167 -36.62 -52.84 -6.37
C THR E 167 -35.19 -53.02 -6.87
N PHE E 168 -34.88 -54.21 -7.34
CA PHE E 168 -33.52 -54.57 -7.69
C PHE E 168 -33.20 -54.14 -9.13
N PRO E 169 -31.92 -53.88 -9.41
CA PRO E 169 -31.52 -53.53 -10.78
C PRO E 169 -31.79 -54.68 -11.73
N ALA E 170 -32.27 -54.35 -12.92
CA ALA E 170 -32.67 -55.36 -13.88
C ALA E 170 -31.46 -56.07 -14.48
N VAL E 171 -31.60 -57.37 -14.70
CA VAL E 171 -30.58 -58.19 -15.34
C VAL E 171 -31.00 -58.45 -16.78
N LEU E 172 -30.01 -58.57 -17.65
CA LEU E 172 -30.24 -58.74 -19.09
C LEU E 172 -30.06 -60.21 -19.44
N GLN E 173 -31.18 -60.90 -19.65
CA GLN E 173 -31.17 -62.30 -20.07
C GLN E 173 -31.74 -62.38 -21.49
N SER E 174 -30.88 -62.74 -22.45
CA SER E 174 -31.25 -62.86 -23.85
C SER E 174 -31.90 -61.58 -24.37
N ASP E 175 -31.21 -60.47 -24.17
CA ASP E 175 -31.60 -59.14 -24.63
C ASP E 175 -32.91 -58.65 -24.04
N LEU E 176 -33.44 -59.32 -23.03
CA LEU E 176 -34.63 -58.88 -22.32
C LEU E 176 -34.29 -58.64 -20.85
N TYR E 177 -34.82 -57.55 -20.30
CA TYR E 177 -34.56 -57.20 -18.91
C TYR E 177 -35.54 -57.91 -18.00
N THR E 178 -35.02 -58.42 -16.88
CA THR E 178 -35.82 -59.03 -15.83
C THR E 178 -35.59 -58.27 -14.53
N LEU E 179 -36.68 -57.95 -13.84
CA LEU E 179 -36.63 -57.13 -12.64
C LEU E 179 -37.55 -57.73 -11.60
N SER E 180 -37.24 -57.46 -10.33
CA SER E 180 -38.06 -57.95 -9.24
C SER E 180 -38.11 -56.91 -8.13
N SER E 181 -39.25 -56.87 -7.44
CA SER E 181 -39.46 -55.92 -6.35
C SER E 181 -40.12 -56.64 -5.20
N SER E 182 -39.72 -56.29 -3.98
CA SER E 182 -40.24 -56.93 -2.77
C SER E 182 -40.72 -55.88 -1.80
N VAL E 183 -41.89 -56.11 -1.21
CA VAL E 183 -42.42 -55.28 -0.14
C VAL E 183 -42.67 -56.16 1.07
N THR E 184 -42.37 -55.63 2.25
CA THR E 184 -42.60 -56.34 3.50
C THR E 184 -43.57 -55.54 4.37
N VAL E 185 -44.51 -56.24 4.98
CA VAL E 185 -45.58 -55.62 5.77
C VAL E 185 -45.85 -56.48 6.99
N PRO E 186 -46.40 -55.89 8.05
CA PRO E 186 -46.78 -56.70 9.22
C PRO E 186 -47.79 -57.77 8.84
N SER E 187 -47.55 -58.99 9.33
CA SER E 187 -48.38 -60.14 8.97
C SER E 187 -49.83 -59.98 9.41
N SER E 188 -50.14 -59.03 10.28
CA SER E 188 -51.53 -58.76 10.63
C SER E 188 -52.26 -58.01 9.53
N THR E 189 -51.53 -57.41 8.59
CA THR E 189 -52.14 -56.67 7.49
C THR E 189 -52.40 -57.52 6.26
N TRP E 190 -51.72 -58.66 6.11
CA TRP E 190 -51.85 -59.50 4.93
C TRP E 190 -52.11 -60.93 5.34
N PRO E 191 -53.06 -61.62 4.69
CA PRO E 191 -53.90 -61.08 3.62
C PRO E 191 -55.16 -60.38 4.13
N SER E 192 -55.12 -59.85 5.35
CA SER E 192 -56.25 -59.10 5.87
C SER E 192 -56.55 -57.89 5.00
N GLU E 193 -55.51 -57.20 4.52
CA GLU E 193 -55.62 -56.12 3.57
C GLU E 193 -54.78 -56.45 2.35
N THR E 194 -55.39 -56.35 1.17
CA THR E 194 -54.71 -56.75 -0.06
C THR E 194 -53.58 -55.80 -0.40
N VAL E 195 -52.48 -56.36 -0.90
CA VAL E 195 -51.31 -55.60 -1.33
C VAL E 195 -51.16 -55.78 -2.83
N THR E 196 -51.29 -54.69 -3.57
CA THR E 196 -51.27 -54.74 -5.03
C THR E 196 -49.91 -54.29 -5.56
N CYS E 197 -49.47 -54.92 -6.65
CA CYS E 197 -48.22 -54.59 -7.31
C CYS E 197 -48.51 -53.78 -8.57
N ASN E 198 -47.97 -52.57 -8.64
CA ASN E 198 -48.21 -51.65 -9.73
C ASN E 198 -46.93 -51.52 -10.56
N VAL E 199 -46.94 -52.07 -11.77
CA VAL E 199 -45.80 -52.02 -12.68
C VAL E 199 -46.14 -51.08 -13.82
N ALA E 200 -45.19 -50.21 -14.18
CA ALA E 200 -45.37 -49.24 -15.24
C ALA E 200 -44.19 -49.32 -16.19
N HIS E 201 -44.47 -49.34 -17.50
CA HIS E 201 -43.45 -49.41 -18.54
C HIS E 201 -43.75 -48.32 -19.56
N PRO E 202 -43.14 -47.14 -19.41
CA PRO E 202 -43.51 -46.02 -20.29
C PRO E 202 -43.13 -46.22 -21.74
N ALA E 203 -42.05 -46.94 -22.03
CA ALA E 203 -41.60 -47.10 -23.40
C ALA E 203 -42.62 -47.86 -24.24
N SER E 204 -43.42 -48.72 -23.62
CA SER E 204 -44.47 -49.46 -24.31
C SER E 204 -45.87 -48.96 -23.98
N SER E 205 -45.98 -47.90 -23.17
CA SER E 205 -47.27 -47.35 -22.75
C SER E 205 -48.15 -48.44 -22.12
N THR E 206 -47.55 -49.22 -21.22
CA THR E 206 -48.23 -50.32 -20.58
C THR E 206 -48.15 -50.19 -19.07
N LYS E 207 -49.19 -50.67 -18.39
CA LYS E 207 -49.23 -50.78 -16.94
C LYS E 207 -49.87 -52.10 -16.57
N VAL E 208 -49.33 -52.75 -15.54
CA VAL E 208 -49.87 -54.01 -15.03
C VAL E 208 -50.11 -53.87 -13.54
N ASP E 209 -51.22 -54.43 -13.07
CA ASP E 209 -51.57 -54.42 -11.66
C ASP E 209 -51.82 -55.84 -11.21
N LYS E 210 -51.16 -56.26 -10.13
CA LYS E 210 -51.26 -57.61 -9.60
C LYS E 210 -51.47 -57.55 -8.10
N LYS E 211 -52.50 -58.23 -7.61
CA LYS E 211 -52.75 -58.36 -6.19
C LYS E 211 -52.12 -59.65 -5.69
N ILE E 212 -51.25 -59.55 -4.69
CA ILE E 212 -50.58 -60.71 -4.13
C ILE E 212 -51.60 -61.63 -3.48
N VAL E 213 -51.92 -62.73 -4.16
CA VAL E 213 -52.90 -63.70 -3.66
C VAL E 213 -52.18 -64.73 -2.80
N PRO E 214 -52.72 -65.12 -1.65
CA PRO E 214 -51.99 -66.01 -0.74
C PRO E 214 -52.33 -67.49 -0.93
N ARG E 215 -52.86 -67.86 -2.10
CA ARG E 215 -53.31 -69.23 -2.30
C ARG E 215 -52.17 -70.22 -2.18
N ASP E 216 -51.01 -69.89 -2.74
CA ASP E 216 -49.85 -70.77 -2.67
C ASP E 216 -48.55 -70.00 -2.86
N ASP F 1 -0.34 -47.85 -21.93
CA ASP F 1 -1.40 -47.39 -21.04
C ASP F 1 -1.01 -47.57 -19.59
N ILE F 2 -1.16 -46.51 -18.79
CA ILE F 2 -0.85 -46.57 -17.37
C ILE F 2 -2.01 -47.21 -16.63
N VAL F 3 -1.69 -48.08 -15.68
CA VAL F 3 -2.68 -48.77 -14.87
C VAL F 3 -2.77 -48.07 -13.52
N LEU F 4 -3.95 -47.57 -13.19
CA LEU F 4 -4.21 -46.97 -11.88
C LEU F 4 -5.01 -47.96 -11.06
N THR F 5 -4.47 -48.35 -9.90
CA THR F 5 -5.01 -49.41 -9.07
C THR F 5 -5.53 -48.84 -7.77
N GLN F 6 -6.83 -48.97 -7.54
CA GLN F 6 -7.46 -48.66 -6.26
C GLN F 6 -7.82 -49.99 -5.62
N SER F 7 -6.97 -50.44 -4.68
CA SER F 7 -7.10 -51.79 -4.14
C SER F 7 -8.43 -52.00 -3.44
N GLN F 8 -8.88 -51.01 -2.68
CA GLN F 8 -10.14 -51.12 -1.94
C GLN F 8 -11.29 -50.74 -2.86
N LYS F 9 -12.15 -51.70 -3.17
CA LYS F 9 -13.37 -51.40 -3.92
C LYS F 9 -14.42 -50.76 -3.01
N PHE F 10 -14.51 -51.23 -1.78
CA PHE F 10 -15.41 -50.68 -0.78
C PHE F 10 -14.62 -50.31 0.47
N MET F 11 -14.96 -49.18 1.07
CA MET F 11 -14.34 -48.75 2.31
C MET F 11 -15.42 -48.34 3.31
N SER F 12 -15.25 -48.79 4.54
CA SER F 12 -16.26 -48.66 5.59
C SER F 12 -15.78 -47.66 6.63
N THR F 13 -16.58 -46.62 6.86
CA THR F 13 -16.31 -45.65 7.92
C THR F 13 -17.63 -45.25 8.55
N SER F 14 -17.62 -44.14 9.28
CA SER F 14 -18.80 -43.68 10.01
C SER F 14 -19.12 -42.23 9.67
N VAL F 15 -20.04 -41.62 10.42
CA VAL F 15 -20.51 -40.28 10.07
C VAL F 15 -19.42 -39.23 10.28
N GLY F 16 -18.56 -39.42 11.29
CA GLY F 16 -17.56 -38.43 11.59
C GLY F 16 -16.12 -38.91 11.43
N ASP F 17 -15.95 -40.14 10.95
CA ASP F 17 -14.63 -40.70 10.77
C ASP F 17 -13.92 -40.04 9.58
N ARG F 18 -12.62 -40.30 9.47
CA ARG F 18 -11.84 -39.87 8.33
C ARG F 18 -11.54 -41.05 7.42
N VAL F 19 -11.51 -40.78 6.11
CA VAL F 19 -11.27 -41.79 5.10
C VAL F 19 -10.07 -41.34 4.28
N SER F 20 -9.42 -42.32 3.64
CA SER F 20 -8.29 -42.04 2.75
C SER F 20 -8.26 -43.14 1.69
N VAL F 21 -8.70 -42.81 0.48
CA VAL F 21 -8.69 -43.74 -0.64
C VAL F 21 -7.31 -43.71 -1.30
N THR F 22 -6.76 -44.88 -1.56
CA THR F 22 -5.42 -45.01 -2.14
C THR F 22 -5.51 -45.30 -3.63
N CYS F 23 -4.44 -44.92 -4.34
CA CYS F 23 -4.37 -45.10 -5.79
C CYS F 23 -2.92 -45.35 -6.15
N LYS F 24 -2.64 -46.54 -6.68
CA LYS F 24 -1.29 -46.92 -7.09
C LYS F 24 -1.20 -46.96 -8.60
N ALA F 25 -0.24 -46.21 -9.15
CA ALA F 25 -0.02 -46.15 -10.59
C ALA F 25 1.08 -47.13 -11.00
N SER F 26 0.87 -47.78 -12.15
CA SER F 26 1.87 -48.73 -12.65
C SER F 26 3.16 -48.05 -13.08
N GLN F 27 3.14 -46.74 -13.28
CA GLN F 27 4.33 -46.00 -13.70
C GLN F 27 4.51 -44.76 -12.84
N ASN F 28 5.38 -43.86 -13.27
CA ASN F 28 5.66 -42.63 -12.55
C ASN F 28 5.02 -41.47 -13.31
N VAL F 29 3.81 -41.11 -12.89
CA VAL F 29 3.15 -39.90 -13.36
C VAL F 29 3.58 -38.76 -12.44
N ASP F 30 4.09 -37.67 -13.02
CA ASP F 30 4.67 -36.61 -12.20
C ASP F 30 3.54 -35.75 -11.66
N THR F 31 3.12 -36.03 -10.41
CA THR F 31 2.07 -35.33 -9.67
C THR F 31 0.91 -34.85 -10.56
N ASN F 32 0.51 -35.68 -11.52
CA ASN F 32 -0.58 -35.36 -12.43
C ASN F 32 -1.69 -36.39 -12.25
N VAL F 33 -2.45 -36.25 -11.16
CA VAL F 33 -3.58 -37.14 -10.87
C VAL F 33 -4.70 -36.30 -10.30
N ALA F 34 -5.90 -36.43 -10.88
CA ALA F 34 -7.09 -35.76 -10.40
C ALA F 34 -8.04 -36.79 -9.81
N TRP F 35 -8.81 -36.35 -8.82
CA TRP F 35 -9.78 -37.21 -8.15
C TRP F 35 -11.19 -36.72 -8.43
N TYR F 36 -12.12 -37.66 -8.60
CA TYR F 36 -13.50 -37.35 -8.94
C TYR F 36 -14.43 -38.07 -7.98
N GLN F 37 -15.55 -37.42 -7.66
CA GLN F 37 -16.63 -38.00 -6.87
C GLN F 37 -17.83 -38.21 -7.79
N GLN F 38 -18.44 -39.38 -7.71
CA GLN F 38 -19.60 -39.70 -8.53
C GLN F 38 -20.65 -40.41 -7.70
N LYS F 39 -21.80 -39.77 -7.52
CA LYS F 39 -22.96 -40.45 -6.98
C LYS F 39 -23.70 -41.17 -8.11
N PRO F 40 -24.30 -42.34 -7.81
CA PRO F 40 -24.93 -43.13 -8.88
C PRO F 40 -26.03 -42.36 -9.59
N GLY F 41 -26.11 -42.55 -10.91
CA GLY F 41 -27.07 -41.87 -11.73
C GLY F 41 -26.70 -40.47 -12.14
N GLN F 42 -25.58 -39.93 -11.65
CA GLN F 42 -25.16 -38.58 -11.94
C GLN F 42 -23.78 -38.58 -12.61
N SER F 43 -23.48 -37.47 -13.27
CA SER F 43 -22.14 -37.25 -13.79
C SER F 43 -21.17 -37.02 -12.63
N PRO F 44 -19.90 -37.37 -12.80
CA PRO F 44 -18.93 -37.15 -11.73
C PRO F 44 -18.68 -35.67 -11.51
N LYS F 45 -18.11 -35.36 -10.34
CA LYS F 45 -17.72 -34.01 -9.97
C LYS F 45 -16.23 -34.01 -9.64
N ALA F 46 -15.50 -33.05 -10.22
CA ALA F 46 -14.05 -32.98 -10.06
C ALA F 46 -13.71 -32.33 -8.72
N LEU F 47 -12.90 -33.03 -7.92
CA LEU F 47 -12.56 -32.56 -6.58
C LEU F 47 -11.22 -31.82 -6.55
N ILE F 48 -10.14 -32.54 -6.89
CA ILE F 48 -8.79 -31.97 -6.87
C ILE F 48 -8.13 -32.25 -8.22
N TYR F 49 -7.06 -31.49 -8.53
CA TYR F 49 -6.54 -31.49 -9.89
C TYR F 49 -5.04 -31.71 -10.06
N SER F 50 -4.24 -31.57 -9.03
CA SER F 50 -2.84 -31.89 -9.19
C SER F 50 -2.37 -32.58 -7.95
N ALA F 51 -3.07 -33.65 -7.60
CA ALA F 51 -2.80 -34.50 -6.43
C ALA F 51 -2.87 -33.77 -5.10
N SER F 52 -2.59 -32.46 -5.11
CA SER F 52 -2.63 -31.65 -3.91
C SER F 52 -3.53 -30.43 -4.03
N TYR F 53 -3.85 -30.00 -5.24
CA TYR F 53 -4.55 -28.74 -5.46
C TYR F 53 -6.05 -28.98 -5.53
N ARG F 54 -6.82 -28.19 -4.78
CA ARG F 54 -8.25 -28.40 -4.61
C ARG F 54 -9.02 -27.36 -5.40
N TYR F 55 -10.10 -27.81 -6.07
CA TYR F 55 -10.94 -26.90 -6.82
C TYR F 55 -11.77 -26.04 -5.87
N SER F 56 -12.40 -25.01 -6.44
CA SER F 56 -13.06 -23.99 -5.62
C SER F 56 -14.33 -24.52 -4.97
N GLY F 57 -15.13 -25.28 -5.71
CA GLY F 57 -16.40 -25.76 -5.17
C GLY F 57 -16.28 -26.84 -4.12
N VAL F 58 -15.08 -27.35 -3.86
CA VAL F 58 -14.88 -28.50 -2.99
C VAL F 58 -14.50 -28.01 -1.59
N PRO F 59 -15.09 -28.57 -0.53
CA PRO F 59 -14.78 -28.12 0.83
C PRO F 59 -13.39 -28.56 1.27
N ASP F 60 -12.93 -27.93 2.36
CA ASP F 60 -11.61 -28.24 2.92
C ASP F 60 -11.54 -29.67 3.43
N ARG F 61 -12.67 -30.36 3.55
CA ARG F 61 -12.68 -31.72 4.09
C ARG F 61 -11.99 -32.70 3.15
N PHE F 62 -11.89 -32.39 1.86
CA PHE F 62 -11.21 -33.23 0.88
C PHE F 62 -9.78 -32.74 0.72
N THR F 63 -8.82 -33.56 1.14
CA THR F 63 -7.40 -33.27 0.98
C THR F 63 -6.75 -34.41 0.23
N GLY F 64 -5.92 -34.07 -0.74
CA GLY F 64 -5.19 -35.05 -1.52
C GLY F 64 -3.69 -34.88 -1.34
N SER F 65 -3.00 -36.00 -1.15
CA SER F 65 -1.54 -36.00 -1.01
C SER F 65 -1.01 -37.15 -1.84
N GLY F 66 -0.14 -36.85 -2.80
CA GLY F 66 0.34 -37.91 -3.67
C GLY F 66 1.62 -37.66 -4.41
N SER F 67 2.53 -38.64 -4.34
CA SER F 67 3.70 -38.72 -5.19
C SER F 67 3.40 -39.58 -6.41
N GLY F 68 4.34 -39.58 -7.35
CA GLY F 68 4.10 -40.16 -8.66
C GLY F 68 3.63 -41.60 -8.64
N THR F 69 4.12 -42.40 -7.71
CA THR F 69 3.78 -43.82 -7.69
C THR F 69 2.50 -44.10 -6.91
N ASP F 70 2.29 -43.43 -5.78
CA ASP F 70 1.16 -43.69 -4.90
C ASP F 70 0.49 -42.38 -4.50
N PHE F 71 -0.75 -42.20 -4.93
CA PHE F 71 -1.57 -41.05 -4.59
C PHE F 71 -2.68 -41.47 -3.64
N THR F 72 -3.05 -40.59 -2.71
CA THR F 72 -4.13 -40.82 -1.78
C THR F 72 -5.05 -39.62 -1.72
N LEU F 73 -6.35 -39.87 -1.59
CA LEU F 73 -7.36 -38.84 -1.39
C LEU F 73 -7.95 -39.05 0.00
N THR F 74 -7.71 -38.11 0.91
CA THR F 74 -8.14 -38.22 2.29
C THR F 74 -9.27 -37.23 2.55
N ILE F 75 -10.39 -37.73 3.07
CA ILE F 75 -11.52 -36.92 3.47
C ILE F 75 -11.68 -37.07 4.98
N SER F 76 -11.51 -35.96 5.70
CA SER F 76 -11.29 -35.98 7.14
C SER F 76 -12.58 -36.04 7.96
N ASN F 77 -13.55 -35.18 7.65
CA ASN F 77 -14.82 -35.16 8.38
C ASN F 77 -15.93 -35.38 7.37
N VAL F 78 -16.30 -36.65 7.16
CA VAL F 78 -17.22 -37.02 6.09
C VAL F 78 -18.64 -36.63 6.46
N GLN F 79 -19.52 -36.61 5.47
CA GLN F 79 -20.95 -36.39 5.67
C GLN F 79 -21.70 -37.41 4.81
N SER F 80 -23.01 -37.49 5.02
CA SER F 80 -23.83 -38.35 4.17
C SER F 80 -23.81 -37.91 2.72
N GLU F 81 -23.52 -36.64 2.47
CA GLU F 81 -23.37 -36.15 1.10
C GLU F 81 -22.08 -36.63 0.44
N ASP F 82 -21.15 -37.18 1.21
CA ASP F 82 -19.88 -37.69 0.69
C ASP F 82 -19.93 -39.17 0.35
N LEU F 83 -21.11 -39.80 0.44
CA LEU F 83 -21.26 -41.22 0.15
C LEU F 83 -21.36 -41.40 -1.36
N ALA F 84 -20.27 -41.83 -1.99
CA ALA F 84 -20.21 -41.99 -3.43
C ALA F 84 -18.97 -42.79 -3.77
N GLU F 85 -18.76 -43.02 -5.07
CA GLU F 85 -17.53 -43.60 -5.56
C GLU F 85 -16.50 -42.51 -5.86
N TYR F 86 -15.23 -42.86 -5.75
CA TYR F 86 -14.14 -41.92 -5.94
C TYR F 86 -13.11 -42.53 -6.88
N PHE F 87 -12.87 -41.87 -8.00
CA PHE F 87 -11.93 -42.32 -9.02
C PHE F 87 -10.69 -41.45 -9.01
N CYS F 88 -9.53 -42.08 -9.20
CA CYS F 88 -8.31 -41.37 -9.54
C CYS F 88 -8.08 -41.46 -11.04
N GLN F 89 -7.46 -40.43 -11.59
CA GLN F 89 -7.23 -40.35 -13.03
C GLN F 89 -5.89 -39.66 -13.28
N GLN F 90 -4.97 -40.38 -13.91
CA GLN F 90 -3.71 -39.77 -14.32
C GLN F 90 -3.88 -39.11 -15.68
N TYR F 91 -3.27 -37.94 -15.84
CA TYR F 91 -3.23 -37.25 -17.12
C TYR F 91 -1.81 -36.80 -17.43
N ASN F 92 -0.82 -37.56 -16.96
CA ASN F 92 0.58 -37.25 -17.23
C ASN F 92 0.97 -37.66 -18.65
N SER F 93 0.44 -38.77 -19.14
CA SER F 93 0.73 -39.24 -20.48
C SER F 93 -0.51 -39.89 -21.07
N TYR F 94 -0.56 -39.93 -22.40
CA TYR F 94 -1.69 -40.50 -23.10
C TYR F 94 -1.59 -42.02 -23.16
N PRO F 95 -2.73 -42.72 -23.12
CA PRO F 95 -4.05 -42.13 -22.92
C PRO F 95 -4.36 -41.90 -21.45
N TYR F 96 -5.27 -40.97 -21.16
CA TYR F 96 -5.69 -40.73 -19.79
C TYR F 96 -6.46 -41.95 -19.27
N THR F 97 -6.04 -42.48 -18.13
CA THR F 97 -6.63 -43.68 -17.57
C THR F 97 -7.19 -43.39 -16.17
N PHE F 98 -8.25 -44.08 -15.82
CA PHE F 98 -8.96 -43.91 -14.56
C PHE F 98 -8.69 -45.07 -13.62
N GLY F 99 -8.87 -44.82 -12.32
CA GLY F 99 -8.80 -45.86 -11.34
C GLY F 99 -10.04 -46.76 -11.35
N GLY F 100 -9.95 -47.85 -10.59
CA GLY F 100 -11.03 -48.83 -10.58
C GLY F 100 -12.32 -48.32 -9.97
N GLY F 101 -12.21 -47.46 -8.96
CA GLY F 101 -13.38 -47.01 -8.23
C GLY F 101 -13.35 -47.45 -6.79
N THR F 102 -13.78 -46.59 -5.87
CA THR F 102 -13.81 -46.91 -4.45
C THR F 102 -15.11 -46.37 -3.87
N LYS F 103 -16.07 -47.28 -3.66
CA LYS F 103 -17.36 -46.89 -3.10
C LYS F 103 -17.26 -46.73 -1.59
N LEU F 104 -17.66 -45.56 -1.09
CA LEU F 104 -17.55 -45.23 0.32
C LEU F 104 -18.86 -45.58 1.02
N GLU F 105 -18.84 -46.66 1.79
CA GLU F 105 -20.00 -47.14 2.53
C GLU F 105 -19.79 -46.92 4.02
N ILE F 106 -20.90 -46.93 4.77
CA ILE F 106 -20.82 -46.76 6.22
C ILE F 106 -21.01 -48.11 6.89
N LYS F 107 -20.39 -48.27 8.05
CA LYS F 107 -20.40 -49.54 8.75
C LYS F 107 -21.77 -49.83 9.36
N ALA F 108 -22.17 -51.09 9.29
CA ALA F 108 -23.43 -51.54 9.87
C ALA F 108 -23.25 -52.98 10.32
N ASP F 109 -24.35 -53.61 10.75
CA ASP F 109 -24.33 -55.01 11.16
C ASP F 109 -25.75 -55.54 11.01
N ALA F 110 -25.98 -56.32 9.96
CA ALA F 110 -27.31 -56.84 9.68
C ALA F 110 -27.22 -58.19 9.01
N ALA F 111 -27.97 -59.16 9.53
CA ALA F 111 -28.06 -60.51 8.97
C ALA F 111 -29.16 -60.55 7.91
N PRO F 112 -28.94 -61.28 6.82
CA PRO F 112 -29.92 -61.28 5.73
C PRO F 112 -31.22 -61.96 6.12
N THR F 113 -32.31 -61.48 5.54
CA THR F 113 -33.64 -62.05 5.76
C THR F 113 -34.03 -62.80 4.48
N VAL F 114 -33.74 -64.10 4.47
CA VAL F 114 -33.92 -64.92 3.27
C VAL F 114 -35.36 -65.40 3.21
N SER F 115 -35.99 -65.23 2.04
CA SER F 115 -37.35 -65.70 1.81
C SER F 115 -37.47 -66.21 0.38
N ILE F 116 -38.04 -67.40 0.23
CA ILE F 116 -38.12 -68.08 -1.06
C ILE F 116 -39.53 -67.95 -1.61
N PHE F 117 -39.63 -67.87 -2.94
CA PHE F 117 -40.90 -67.72 -3.64
C PHE F 117 -40.96 -68.67 -4.82
N PRO F 118 -42.01 -69.49 -4.93
CA PRO F 118 -42.12 -70.41 -6.06
C PRO F 118 -42.65 -69.70 -7.29
N PRO F 119 -42.58 -70.33 -8.47
CA PRO F 119 -43.19 -69.73 -9.66
C PRO F 119 -44.70 -69.59 -9.48
N SER F 120 -45.25 -68.55 -10.12
CA SER F 120 -46.67 -68.25 -9.98
C SER F 120 -47.50 -69.13 -10.91
N SER F 121 -48.81 -69.11 -10.67
CA SER F 121 -49.73 -69.85 -11.53
C SER F 121 -49.72 -69.29 -12.95
N GLU F 122 -49.67 -67.96 -13.07
CA GLU F 122 -49.68 -67.33 -14.39
C GLU F 122 -48.40 -67.63 -15.16
N GLN F 123 -47.26 -67.73 -14.48
CA GLN F 123 -46.00 -67.95 -15.16
C GLN F 123 -45.91 -69.37 -15.71
N LEU F 124 -46.24 -70.38 -14.87
CA LEU F 124 -46.20 -71.76 -15.32
C LEU F 124 -47.17 -72.00 -16.48
N THR F 125 -48.25 -71.22 -16.54
CA THR F 125 -49.15 -71.30 -17.69
C THR F 125 -48.47 -70.83 -18.96
N SER F 126 -47.60 -69.82 -18.85
CA SER F 126 -46.86 -69.32 -20.01
C SER F 126 -45.77 -70.27 -20.47
N GLY F 127 -45.48 -71.32 -19.70
CA GLY F 127 -44.46 -72.28 -20.10
C GLY F 127 -43.10 -72.04 -19.50
N GLY F 128 -43.01 -71.26 -18.42
CA GLY F 128 -41.73 -70.99 -17.77
C GLY F 128 -41.86 -71.11 -16.26
N ALA F 129 -40.71 -71.01 -15.60
CA ALA F 129 -40.67 -71.12 -14.14
C ALA F 129 -39.45 -70.38 -13.63
N SER F 130 -39.66 -69.42 -12.73
CA SER F 130 -38.59 -68.67 -12.10
C SER F 130 -38.75 -68.78 -10.59
N VAL F 131 -37.81 -69.43 -9.93
CA VAL F 131 -37.79 -69.52 -8.47
C VAL F 131 -36.98 -68.33 -7.95
N VAL F 132 -37.65 -67.43 -7.24
CA VAL F 132 -37.04 -66.21 -6.73
C VAL F 132 -36.71 -66.40 -5.27
N CYS F 133 -35.58 -65.83 -4.84
CA CYS F 133 -35.15 -65.86 -3.45
C CYS F 133 -34.67 -64.46 -3.07
N PHE F 134 -35.25 -63.89 -2.03
CA PHE F 134 -34.95 -62.53 -1.61
C PHE F 134 -34.07 -62.55 -0.37
N LEU F 135 -32.98 -61.77 -0.41
CA LEU F 135 -32.08 -61.58 0.72
C LEU F 135 -32.04 -60.09 1.01
N ASN F 136 -32.74 -59.66 2.06
CA ASN F 136 -32.96 -58.25 2.33
C ASN F 136 -32.30 -57.82 3.63
N ASN F 137 -31.79 -56.59 3.63
CA ASN F 137 -31.34 -55.88 4.84
C ASN F 137 -30.20 -56.63 5.52
N PHE F 138 -29.04 -56.62 4.86
CA PHE F 138 -27.85 -57.25 5.40
C PHE F 138 -26.62 -56.40 5.10
N TYR F 139 -25.62 -56.54 5.97
CA TYR F 139 -24.31 -55.92 5.82
C TYR F 139 -23.32 -56.88 6.47
N PRO F 140 -22.13 -57.08 5.90
CA PRO F 140 -21.56 -56.49 4.68
C PRO F 140 -22.24 -56.93 3.38
N LYS F 141 -21.79 -56.34 2.26
CA LYS F 141 -22.37 -56.68 0.96
C LYS F 141 -22.02 -58.09 0.51
N ASP F 142 -20.90 -58.64 0.99
CA ASP F 142 -20.47 -59.97 0.58
C ASP F 142 -21.45 -61.01 1.10
N ILE F 143 -22.19 -61.64 0.19
CA ILE F 143 -23.11 -62.72 0.53
C ILE F 143 -22.90 -63.86 -0.47
N ASN F 144 -23.10 -65.08 0.01
CA ASN F 144 -22.92 -66.28 -0.80
C ASN F 144 -24.25 -67.00 -0.89
N VAL F 145 -24.84 -67.00 -2.09
CA VAL F 145 -26.12 -67.67 -2.34
C VAL F 145 -25.86 -68.96 -3.11
N LYS F 146 -26.59 -70.01 -2.75
CA LYS F 146 -26.45 -71.31 -3.40
C LYS F 146 -27.82 -71.97 -3.49
N TRP F 147 -28.17 -72.44 -4.69
CA TRP F 147 -29.41 -73.17 -4.90
C TRP F 147 -29.14 -74.67 -4.81
N LYS F 148 -30.10 -75.38 -4.22
CA LYS F 148 -29.99 -76.84 -4.06
C LYS F 148 -31.31 -77.46 -4.52
N ILE F 149 -31.29 -78.06 -5.71
CA ILE F 149 -32.47 -78.71 -6.28
C ILE F 149 -32.34 -80.20 -6.00
N ASP F 150 -33.25 -80.73 -5.18
CA ASP F 150 -33.25 -82.15 -4.79
C ASP F 150 -31.92 -82.54 -4.15
N GLY F 151 -31.35 -81.64 -3.35
CA GLY F 151 -30.08 -81.86 -2.72
C GLY F 151 -28.87 -81.55 -3.58
N SER F 152 -29.03 -81.54 -4.90
CA SER F 152 -27.93 -81.23 -5.81
C SER F 152 -27.84 -79.74 -6.04
N GLU F 153 -26.61 -79.23 -6.17
CA GLU F 153 -26.37 -77.80 -6.32
C GLU F 153 -26.57 -77.40 -7.79
N ARG F 154 -27.57 -76.56 -8.04
CA ARG F 154 -27.82 -76.03 -9.37
C ARG F 154 -26.95 -74.79 -9.59
N GLN F 155 -26.27 -74.75 -10.74
CA GLN F 155 -25.31 -73.70 -11.03
C GLN F 155 -25.73 -72.78 -12.17
N ASN F 156 -26.32 -73.33 -13.23
CA ASN F 156 -26.74 -72.54 -14.38
C ASN F 156 -28.20 -72.12 -14.22
N GLY F 157 -28.53 -70.97 -14.80
CA GLY F 157 -29.86 -70.42 -14.74
C GLY F 157 -30.13 -69.50 -13.58
N VAL F 158 -29.13 -69.22 -12.73
CA VAL F 158 -29.30 -68.38 -11.56
C VAL F 158 -28.68 -67.02 -11.84
N LEU F 159 -29.44 -65.96 -11.61
CA LEU F 159 -28.98 -64.59 -11.75
C LEU F 159 -29.13 -63.87 -10.42
N ASN F 160 -28.35 -62.81 -10.24
CA ASN F 160 -28.33 -62.08 -8.98
C ASN F 160 -28.31 -60.58 -9.23
N SER F 161 -29.08 -59.85 -8.43
CA SER F 161 -29.12 -58.39 -8.47
C SER F 161 -28.97 -57.86 -7.06
N TRP F 162 -28.02 -56.95 -6.85
CA TRP F 162 -27.76 -56.35 -5.55
C TRP F 162 -28.08 -54.86 -5.64
N THR F 163 -28.99 -54.39 -4.79
CA THR F 163 -29.20 -52.96 -4.67
C THR F 163 -28.02 -52.33 -3.93
N ASP F 164 -27.69 -51.10 -4.30
CA ASP F 164 -26.64 -50.39 -3.59
C ASP F 164 -27.14 -49.94 -2.22
N GLN F 165 -26.20 -49.60 -1.35
CA GLN F 165 -26.53 -49.26 0.03
C GLN F 165 -27.37 -47.99 0.07
N ASP F 166 -28.57 -48.09 0.65
CA ASP F 166 -29.48 -46.97 0.73
C ASP F 166 -29.16 -46.09 1.93
N SER F 167 -30.00 -45.13 2.23
CA SER F 167 -29.71 -44.29 3.37
C SER F 167 -30.51 -44.70 4.60
N LYS F 168 -31.66 -45.31 4.41
CA LYS F 168 -32.48 -45.64 5.54
C LYS F 168 -31.94 -46.60 6.57
N ASP F 169 -31.35 -47.71 6.16
CA ASP F 169 -30.85 -48.64 7.15
C ASP F 169 -29.44 -48.98 6.80
N SER F 170 -28.97 -48.37 5.74
CA SER F 170 -27.60 -48.56 5.26
C SER F 170 -27.26 -50.04 5.12
N THR F 171 -28.22 -50.81 4.62
CA THR F 171 -28.03 -52.24 4.37
C THR F 171 -28.19 -52.51 2.88
N TYR F 172 -27.77 -53.70 2.47
CA TYR F 172 -27.90 -54.17 1.10
C TYR F 172 -29.03 -55.17 1.00
N SER F 173 -29.52 -55.37 -0.23
CA SER F 173 -30.55 -56.35 -0.51
C SER F 173 -30.23 -57.04 -1.83
N MET F 174 -30.40 -58.36 -1.87
CA MET F 174 -30.04 -59.16 -3.03
C MET F 174 -31.25 -59.94 -3.53
N SER F 175 -31.30 -60.14 -4.84
CA SER F 175 -32.32 -60.92 -5.50
C SER F 175 -31.67 -62.05 -6.29
N SER F 176 -32.04 -63.29 -5.99
CA SER F 176 -31.56 -64.46 -6.71
C SER F 176 -32.73 -65.11 -7.43
N THR F 177 -32.58 -65.30 -8.74
CA THR F 177 -33.65 -65.85 -9.58
C THR F 177 -33.11 -67.03 -10.38
N LEU F 178 -33.63 -68.22 -10.10
CA LEU F 178 -33.29 -69.41 -10.86
C LEU F 178 -34.36 -69.61 -11.93
N THR F 179 -34.02 -69.29 -13.18
CA THR F 179 -34.95 -69.41 -14.30
C THR F 179 -34.79 -70.78 -14.95
N LEU F 180 -35.86 -71.58 -14.92
CA LEU F 180 -35.85 -72.92 -15.46
C LEU F 180 -37.07 -73.13 -16.34
N THR F 181 -37.02 -74.19 -17.14
CA THR F 181 -38.14 -74.52 -18.01
C THR F 181 -39.31 -75.08 -17.20
N LYS F 182 -40.50 -75.00 -17.79
CA LYS F 182 -41.69 -75.53 -17.12
C LYS F 182 -41.61 -77.05 -16.97
N ASP F 183 -41.06 -77.73 -17.98
CA ASP F 183 -40.90 -79.18 -17.87
C ASP F 183 -39.75 -79.53 -16.92
N GLU F 184 -38.71 -78.71 -16.88
CA GLU F 184 -37.60 -78.96 -15.98
C GLU F 184 -37.97 -78.69 -14.53
N TYR F 185 -38.84 -77.70 -14.29
CA TYR F 185 -39.25 -77.38 -12.94
C TYR F 185 -40.12 -78.48 -12.34
N GLU F 186 -41.06 -79.01 -13.13
CA GLU F 186 -41.98 -80.02 -12.62
C GLU F 186 -41.34 -81.37 -12.40
N ARG F 187 -40.07 -81.55 -12.77
CA ARG F 187 -39.42 -82.85 -12.62
C ARG F 187 -38.95 -83.07 -11.18
N HIS F 188 -38.50 -82.01 -10.51
CA HIS F 188 -37.98 -82.12 -9.16
C HIS F 188 -38.95 -81.49 -8.16
N ASN F 189 -38.74 -81.81 -6.89
CA ASN F 189 -39.66 -81.38 -5.83
C ASN F 189 -38.99 -80.62 -4.69
N SER F 190 -37.67 -80.66 -4.56
CA SER F 190 -36.96 -80.00 -3.48
C SER F 190 -36.17 -78.82 -4.03
N TYR F 191 -36.51 -77.61 -3.58
CA TYR F 191 -35.80 -76.40 -3.96
C TYR F 191 -35.33 -75.68 -2.70
N THR F 192 -34.06 -75.27 -2.68
CA THR F 192 -33.44 -74.74 -1.48
C THR F 192 -32.62 -73.51 -1.82
N CYS F 193 -32.69 -72.50 -0.96
CA CYS F 193 -31.92 -71.26 -1.10
C CYS F 193 -31.00 -71.13 0.10
N GLU F 194 -29.69 -71.33 -0.11
CA GLU F 194 -28.69 -71.30 0.94
C GLU F 194 -27.98 -69.95 0.93
N ALA F 195 -27.99 -69.27 2.07
CA ALA F 195 -27.44 -67.91 2.18
C ALA F 195 -26.32 -67.92 3.22
N THR F 196 -25.08 -67.83 2.75
CA THR F 196 -23.91 -67.80 3.62
C THR F 196 -23.46 -66.36 3.82
N HIS F 197 -23.27 -65.96 5.07
CA HIS F 197 -22.89 -64.59 5.39
C HIS F 197 -21.94 -64.61 6.58
N LYS F 198 -21.33 -63.44 6.84
CA LYS F 198 -20.44 -63.31 8.00
C LYS F 198 -21.21 -63.23 9.31
N THR F 199 -22.42 -62.67 9.28
CA THR F 199 -23.21 -62.50 10.49
C THR F 199 -23.66 -63.81 11.09
N SER F 200 -23.73 -64.88 10.29
CA SER F 200 -24.16 -66.18 10.74
C SER F 200 -23.06 -67.20 10.47
N THR F 201 -22.69 -67.97 11.50
CA THR F 201 -21.68 -69.00 11.33
C THR F 201 -22.15 -70.11 10.40
N SER F 202 -23.46 -70.32 10.28
CA SER F 202 -24.06 -71.29 9.39
C SER F 202 -25.03 -70.61 8.44
N PRO F 203 -25.26 -71.17 7.25
CA PRO F 203 -26.11 -70.50 6.27
C PRO F 203 -27.58 -70.53 6.66
N ILE F 204 -28.31 -69.54 6.18
CA ILE F 204 -29.75 -69.46 6.37
C ILE F 204 -30.44 -70.16 5.21
N VAL F 205 -31.37 -71.06 5.51
CA VAL F 205 -31.92 -72.00 4.54
C VAL F 205 -33.43 -71.86 4.51
N LYS F 206 -34.00 -71.70 3.31
CA LYS F 206 -35.43 -71.70 3.08
C LYS F 206 -35.75 -72.63 1.92
N SER F 207 -36.94 -73.23 1.94
CA SER F 207 -37.30 -74.23 0.96
C SER F 207 -38.81 -74.27 0.78
N PHE F 208 -39.24 -75.02 -0.23
CA PHE F 208 -40.66 -75.25 -0.49
C PHE F 208 -40.81 -76.56 -1.24
N ASN F 209 -42.07 -76.98 -1.44
CA ASN F 209 -42.38 -78.23 -2.10
C ASN F 209 -43.37 -78.00 -3.23
N ARG F 210 -43.43 -78.97 -4.14
CA ARG F 210 -44.34 -78.95 -5.30
C ARG F 210 -44.13 -77.70 -6.16
#